data_6J7X
#
_entry.id   6J7X
#
_cell.length_a   119.169
_cell.length_b   119.169
_cell.length_c   211.006
_cell.angle_alpha   90.00
_cell.angle_beta   90.00
_cell.angle_gamma   90.00
#
_symmetry.space_group_name_H-M   'P 41 21 2'
#
loop_
_entity.id
_entity.type
_entity.pdbx_description
1 polymer 'Protein prenyltransferase alpha subunit repeat-containing protein 1'
2 polymer 'Geranylgeranyl transferase type-2 subunit beta'
3 polymer 'Synaptobrevin homolog YKT6'
4 non-polymer 'GERANYLGERANYL DIPHOSPHATE'
5 non-polymer 'FORMIC ACID'
#
loop_
_entity_poly.entity_id
_entity_poly.type
_entity_poly.pdbx_seq_one_letter_code
_entity_poly.pdbx_strand_id
1 'polypeptide(L)'
;MAETSEEVAVLVQRVVKDITNAFRRNPHIDEIGLIPCPEARYNRSPIVLVENKLGVESWCVKFLLPYVHNKLLLYRTRKQ
WLNRDELIDVTCTLLLLNPDFTTAWNVRKELILSGTLNPIKDLHLGKLALTKFPKSPETWIHRRWVLQQLIQETSLPSFV
TKGNLGTIPTERAQRLIQEEMEVCGEAAGRYPSNYNAWSHRIWVLQHLAKLDVKILLDELSSTKHWASMHVSDHSGFHYR
QFLLKSLISQTVIDSSVMEQNPLRSEPALVPPKDEEAAVSTEEPRINLPHLLEEEVEFSTDLIDSYPGHETLWCHRRHIF
YLQHHLN
;
A
2 'polypeptide(L)'
;GPLGSMGTPQKDVIIKSDAPDTLLLEKHADYIASYGSKKDDYEYCMSEYLRMSGIYWGLTVMDLMGQLHRMNREEILAFI
KSCQHECGGISASIGHDPHLLYTLSAVQILTLYDSINVIDVNKVVEYVKGLQKEDGSFAGDIWGEIDTRFSFCAVATLAL
LGKLDAINVEKAIEFVLSCMNFDGGFGCRPGSESHAGQIYCCTGFLAITSQLHQVNSDLLGWWLCERQLPSGGLNGRPEK
LPDVCYSWWVLASLKIIGRLHWIDREKLRNFILACQDEETGGFADRPGDMVDPFHTLFGIAGLSLLGEEQIKPVNPVFCM
PEEVLQRVNVQPELVS
;
B
3 'polypeptide(L)'
;MKLYSLSVLYKGEAKVVLLKAAYDVSSFSFFQRSSVQEFMTFTSQLIVERSSKGTRASVKEQDYLCHVYVRNDSLAGVVI
ADNEYPSRVAFTLLEKVLDEFSKQVDRIDWPVGSPATIHYPALDGHLSRYQNPREADPMTKVQAELDETKIILHNTMESL
LERGEKLDDLVSKSEVLGTQSKAFYKTARKQNSCCAIM
;
C
#
loop_
_chem_comp.id
_chem_comp.type
_chem_comp.name
_chem_comp.formula
FMT non-polymer 'FORMIC ACID' 'C H2 O2'
GRG non-polymer 'GERANYLGERANYL DIPHOSPHATE' 'C20 H36 O7 P2'
#
# COMPACT_ATOMS: atom_id res chain seq x y z
N GLU A 7 28.76 24.65 1.66
CA GLU A 7 29.48 23.57 0.98
C GLU A 7 28.53 22.47 0.55
N VAL A 8 27.24 22.68 0.76
CA VAL A 8 26.23 21.69 0.42
C VAL A 8 25.92 21.72 -1.07
N ALA A 9 26.39 22.75 -1.77
CA ALA A 9 26.15 22.88 -3.20
C ALA A 9 27.11 22.00 -4.00
N VAL A 10 28.19 21.57 -3.36
CA VAL A 10 29.20 20.74 -4.01
C VAL A 10 29.09 19.29 -3.54
N LEU A 11 28.80 19.11 -2.25
CA LEU A 11 28.67 17.78 -1.66
C LEU A 11 27.50 17.01 -2.26
N VAL A 12 26.42 17.73 -2.55
CA VAL A 12 25.21 17.11 -3.09
C VAL A 12 25.30 16.92 -4.60
N GLN A 13 25.92 17.89 -5.28
CA GLN A 13 26.10 17.80 -6.73
C GLN A 13 27.07 16.68 -7.10
N ARG A 14 27.84 16.23 -6.11
CA ARG A 14 28.75 15.11 -6.30
C ARG A 14 27.99 13.79 -6.23
N VAL A 15 26.93 13.77 -5.43
CA VAL A 15 26.13 12.57 -5.24
C VAL A 15 25.42 12.14 -6.53
N VAL A 16 24.87 13.11 -7.26
CA VAL A 16 24.17 12.81 -8.50
C VAL A 16 25.14 12.25 -9.54
N LYS A 17 26.42 12.54 -9.36
CA LYS A 17 27.46 11.96 -10.21
C LYS A 17 27.77 10.54 -9.76
N ASP A 18 27.89 10.35 -8.45
CA ASP A 18 28.17 9.04 -7.88
C ASP A 18 27.09 8.03 -8.23
N ILE A 19 25.84 8.49 -8.25
CA ILE A 19 24.72 7.64 -8.62
C ILE A 19 24.75 7.34 -10.13
N THR A 20 25.04 8.37 -10.92
CA THR A 20 25.16 8.22 -12.36
C THR A 20 26.31 7.30 -12.72
N ASN A 21 27.44 7.47 -12.03
CA ASN A 21 28.61 6.62 -12.24
C ASN A 21 28.33 5.17 -11.92
N ALA A 22 27.53 4.94 -10.89
CA ALA A 22 27.21 3.58 -10.43
C ALA A 22 26.49 2.77 -11.49
N PHE A 23 25.64 3.44 -12.28
CA PHE A 23 24.88 2.75 -13.32
C PHE A 23 25.75 2.43 -14.54
N ARG A 24 26.80 3.21 -14.74
CA ARG A 24 27.67 3.01 -15.90
C ARG A 24 28.71 1.92 -15.65
N ARG A 25 29.08 1.73 -14.39
CA ARG A 25 30.03 0.68 -14.03
C ARG A 25 29.33 -0.58 -13.56
N ASN A 26 28.00 -0.53 -13.53
CA ASN A 26 27.20 -1.69 -13.12
C ASN A 26 25.75 -1.57 -13.61
N PRO A 27 25.49 -2.04 -14.83
CA PRO A 27 24.16 -2.01 -15.43
C PRO A 27 23.27 -3.16 -14.97
N HIS A 28 23.77 -3.97 -14.03
CA HIS A 28 23.02 -5.11 -13.53
C HIS A 28 22.58 -4.93 -12.08
N ILE A 29 22.24 -3.70 -11.73
CA ILE A 29 21.82 -3.39 -10.37
C ILE A 29 20.42 -3.96 -10.07
N ASP A 30 20.34 -4.78 -9.04
CA ASP A 30 19.08 -5.46 -8.69
C ASP A 30 18.09 -4.51 -8.01
N GLU A 31 18.49 -3.91 -6.91
CA GLU A 31 17.59 -3.05 -6.15
C GLU A 31 18.31 -1.86 -5.51
N ILE A 32 17.53 -0.94 -4.96
CA ILE A 32 18.07 0.18 -4.20
C ILE A 32 17.56 0.09 -2.77
N GLY A 33 18.14 0.89 -1.88
CA GLY A 33 17.74 0.88 -0.48
C GLY A 33 18.36 1.99 0.34
N LEU A 34 17.82 2.18 1.54
CA LEU A 34 18.30 3.23 2.44
C LEU A 34 19.19 2.63 3.53
N ILE A 35 20.34 3.25 3.75
CA ILE A 35 21.29 2.78 4.76
C ILE A 35 21.28 3.70 5.99
N PRO A 36 21.01 3.12 7.17
CA PRO A 36 20.98 3.85 8.44
C PRO A 36 22.29 4.56 8.76
N CYS A 37 22.32 5.87 8.56
CA CYS A 37 23.50 6.67 8.88
C CYS A 37 23.09 8.02 9.47
N PRO A 38 23.23 8.18 10.79
CA PRO A 38 22.88 9.43 11.45
C PRO A 38 23.88 10.55 11.14
N GLU A 39 25.10 10.17 10.75
CA GLU A 39 26.14 11.14 10.48
C GLU A 39 27.10 10.64 9.40
N ALA A 40 27.56 11.56 8.56
CA ALA A 40 28.47 11.24 7.47
C ALA A 40 29.86 10.87 7.99
N ARG A 41 30.62 10.15 7.16
CA ARG A 41 31.99 9.80 7.49
C ARG A 41 32.96 10.49 6.53
N TYR A 42 34.24 10.54 6.91
CA TYR A 42 35.23 11.33 6.19
C TYR A 42 35.50 10.85 4.77
N ASN A 43 35.28 11.74 3.81
CA ASN A 43 35.62 11.53 2.41
C ASN A 43 35.02 10.27 1.80
N ARG A 44 33.84 9.88 2.28
CA ARG A 44 33.13 8.73 1.73
C ARG A 44 31.77 9.12 1.18
N SER A 45 31.54 8.79 -0.08
CA SER A 45 30.26 9.02 -0.72
C SER A 45 29.16 8.21 -0.06
N PRO A 46 27.99 8.82 0.15
CA PRO A 46 26.84 8.12 0.75
C PRO A 46 26.25 7.08 -0.19
N ILE A 47 26.71 7.08 -1.44
CA ILE A 47 26.27 6.11 -2.43
C ILE A 47 27.18 4.88 -2.40
N VAL A 48 26.79 3.90 -1.59
CA VAL A 48 27.58 2.68 -1.43
C VAL A 48 26.89 1.49 -2.09
N LEU A 49 27.59 0.81 -2.97
CA LEU A 49 27.02 -0.37 -3.63
C LEU A 49 27.82 -1.63 -3.32
N VAL A 50 27.09 -2.69 -2.98
CA VAL A 50 27.68 -4.01 -2.78
C VAL A 50 27.01 -5.00 -3.72
N GLU A 51 27.81 -5.70 -4.50
CA GLU A 51 27.32 -6.61 -5.54
C GLU A 51 26.43 -5.84 -6.52
N ASN A 52 25.15 -6.19 -6.56
CA ASN A 52 24.20 -5.51 -7.44
C ASN A 52 23.43 -4.44 -6.71
N LYS A 53 23.39 -4.54 -5.39
CA LYS A 53 22.59 -3.63 -4.56
C LYS A 53 23.18 -2.23 -4.52
N LEU A 54 22.31 -1.23 -4.56
CA LEU A 54 22.73 0.17 -4.51
C LEU A 54 22.17 0.86 -3.27
N GLY A 55 23.06 1.26 -2.36
CA GLY A 55 22.65 1.84 -1.10
C GLY A 55 22.86 3.34 -0.99
N VAL A 56 21.98 4.00 -0.25
CA VAL A 56 22.08 5.43 0.00
C VAL A 56 21.99 5.72 1.49
N GLU A 57 23.05 6.31 2.04
CA GLU A 57 23.08 6.65 3.46
C GLU A 57 22.07 7.75 3.77
N SER A 58 21.38 7.61 4.91
CA SER A 58 20.23 8.45 5.23
C SER A 58 20.58 9.89 5.56
N TRP A 59 21.83 10.13 5.97
CA TRP A 59 22.24 11.47 6.38
C TRP A 59 22.17 12.48 5.25
N CYS A 60 22.35 12.01 4.02
CA CYS A 60 22.43 12.90 2.86
C CYS A 60 21.06 13.15 2.22
N VAL A 61 20.11 12.27 2.52
CA VAL A 61 18.78 12.34 1.91
C VAL A 61 18.09 13.67 2.17
N LYS A 62 18.18 14.17 3.41
CA LYS A 62 17.54 15.42 3.79
C LYS A 62 18.16 16.63 3.08
N PHE A 63 19.34 16.43 2.50
CA PHE A 63 20.00 17.48 1.73
C PHE A 63 19.90 17.21 0.24
N LEU A 64 20.02 15.94 -0.14
CA LEU A 64 20.04 15.54 -1.55
C LEU A 64 18.71 15.80 -2.24
N LEU A 65 17.61 15.42 -1.60
CA LEU A 65 16.30 15.55 -2.22
C LEU A 65 15.88 17.00 -2.50
N PRO A 66 15.87 17.88 -1.48
CA PRO A 66 15.36 19.23 -1.77
C PRO A 66 16.22 20.00 -2.76
N TYR A 67 17.49 19.62 -2.87
CA TYR A 67 18.39 20.22 -3.86
C TYR A 67 17.93 19.88 -5.27
N VAL A 68 17.78 18.58 -5.54
CA VAL A 68 17.36 18.12 -6.86
C VAL A 68 15.92 18.49 -7.14
N HIS A 69 15.10 18.48 -6.08
CA HIS A 69 13.69 18.85 -6.20
C HIS A 69 13.53 20.28 -6.70
N ASN A 70 14.15 21.22 -6.00
CA ASN A 70 14.08 22.63 -6.37
C ASN A 70 14.74 22.90 -7.72
N LYS A 71 15.74 22.11 -8.06
CA LYS A 71 16.44 22.29 -9.33
C LYS A 71 15.53 21.95 -10.51
N LEU A 72 14.72 20.92 -10.37
CA LEU A 72 13.79 20.53 -11.42
C LEU A 72 12.65 21.55 -11.56
N LEU A 73 12.24 22.13 -10.43
CA LEU A 73 11.19 23.14 -10.44
C LEU A 73 11.67 24.42 -11.10
N LEU A 74 12.95 24.74 -10.93
CA LEU A 74 13.54 25.91 -11.56
C LEU A 74 13.62 25.70 -13.07
N TYR A 75 13.74 24.44 -13.49
CA TYR A 75 13.75 24.11 -14.92
C TYR A 75 12.36 24.27 -15.52
N ARG A 76 11.36 23.72 -14.84
CA ARG A 76 9.99 23.76 -15.32
C ARG A 76 9.43 25.19 -15.36
N THR A 77 9.96 26.05 -14.48
CA THR A 77 9.53 27.44 -14.42
C THR A 77 10.46 28.37 -15.19
N ARG A 78 11.37 27.76 -15.97
CA ARG A 78 12.32 28.51 -16.79
C ARG A 78 13.16 29.50 -15.97
N LYS A 79 13.50 29.13 -14.75
CA LYS A 79 14.30 29.99 -13.88
C LYS A 79 15.78 29.64 -13.97
N GLN A 80 16.07 28.39 -14.31
CA GLN A 80 17.45 27.95 -14.47
C GLN A 80 17.55 26.83 -15.51
N TRP A 81 18.36 27.05 -16.53
CA TRP A 81 18.53 26.10 -17.62
C TRP A 81 19.34 24.89 -17.19
N LEU A 82 18.99 23.73 -17.75
CA LEU A 82 19.76 22.50 -17.53
C LEU A 82 20.02 21.80 -18.86
N ASN A 83 21.20 21.20 -18.98
CA ASN A 83 21.50 20.39 -20.16
C ASN A 83 20.61 19.16 -20.20
N ARG A 84 20.43 18.58 -21.38
CA ARG A 84 19.63 17.38 -21.52
C ARG A 84 20.32 16.20 -20.84
N ASP A 85 21.63 16.31 -20.65
CA ASP A 85 22.38 15.32 -19.89
C ASP A 85 22.21 15.57 -18.39
N GLU A 86 22.06 16.84 -18.03
CA GLU A 86 21.81 17.21 -16.64
C GLU A 86 20.39 16.85 -16.24
N LEU A 87 19.46 16.97 -17.19
CA LEU A 87 18.06 16.62 -16.95
C LEU A 87 17.91 15.14 -16.60
N ILE A 88 18.54 14.29 -17.40
CA ILE A 88 18.48 12.85 -17.17
C ILE A 88 19.07 12.49 -15.81
N ASP A 89 20.17 13.15 -15.46
CA ASP A 89 20.87 12.87 -14.21
C ASP A 89 20.06 13.29 -12.98
N VAL A 90 19.43 14.46 -13.03
CA VAL A 90 18.69 14.94 -11.88
C VAL A 90 17.35 14.22 -11.71
N THR A 91 16.67 13.94 -12.82
CA THR A 91 15.39 13.25 -12.75
C THR A 91 15.57 11.82 -12.27
N CYS A 92 16.72 11.24 -12.60
CA CYS A 92 17.04 9.88 -12.18
C CYS A 92 17.18 9.80 -10.66
N THR A 93 18.03 10.64 -10.10
CA THR A 93 18.27 10.66 -8.66
C THR A 93 17.03 11.12 -7.89
N LEU A 94 16.23 11.97 -8.52
CA LEU A 94 15.02 12.50 -7.90
C LEU A 94 13.95 11.43 -7.78
N LEU A 95 13.83 10.60 -8.80
CA LEU A 95 12.78 9.57 -8.82
C LEU A 95 13.18 8.33 -8.02
N LEU A 96 14.46 8.20 -7.73
CA LEU A 96 14.93 7.11 -6.89
C LEU A 96 14.65 7.41 -5.42
N LEU A 97 14.42 8.69 -5.13
CA LEU A 97 14.11 9.13 -3.78
C LEU A 97 12.60 9.28 -3.59
N ASN A 98 11.91 9.64 -4.67
CA ASN A 98 10.47 9.86 -4.63
C ASN A 98 9.81 9.66 -5.99
N PRO A 99 9.45 8.40 -6.30
CA PRO A 99 8.89 8.02 -7.60
C PRO A 99 7.45 8.50 -7.82
N ASP A 100 6.90 9.20 -6.84
CA ASP A 100 5.53 9.71 -6.96
C ASP A 100 5.51 11.12 -7.52
N PHE A 101 6.69 11.73 -7.62
CA PHE A 101 6.82 13.05 -8.21
C PHE A 101 6.46 12.99 -9.70
N THR A 102 5.19 13.27 -9.99
CA THR A 102 4.66 13.13 -11.35
C THR A 102 5.39 14.00 -12.37
N THR A 103 5.67 15.24 -12.01
CA THR A 103 6.29 16.21 -12.90
C THR A 103 7.66 15.72 -13.40
N ALA A 104 8.41 15.07 -12.51
CA ALA A 104 9.72 14.53 -12.86
C ALA A 104 9.60 13.46 -13.93
N TRP A 105 8.58 12.61 -13.81
CA TRP A 105 8.32 11.58 -14.81
C TRP A 105 7.93 12.21 -16.15
N ASN A 106 7.13 13.26 -16.10
CA ASN A 106 6.65 13.94 -17.29
C ASN A 106 7.80 14.54 -18.10
N VAL A 107 8.81 15.04 -17.41
CA VAL A 107 10.00 15.58 -18.07
C VAL A 107 10.69 14.47 -18.86
N ARG A 108 10.78 13.29 -18.27
CA ARG A 108 11.40 12.15 -18.93
C ARG A 108 10.55 11.68 -20.10
N LYS A 109 9.24 11.85 -20.00
CA LYS A 109 8.35 11.57 -21.13
C LYS A 109 8.71 12.49 -22.30
N GLU A 110 8.93 13.76 -21.98
CA GLU A 110 9.31 14.75 -22.97
C GLU A 110 10.67 14.43 -23.56
N LEU A 111 11.61 14.01 -22.70
CA LEU A 111 12.94 13.63 -23.15
C LEU A 111 12.89 12.44 -24.09
N ILE A 112 12.06 11.46 -23.75
CA ILE A 112 11.86 10.29 -24.59
C ILE A 112 11.21 10.68 -25.92
N LEU A 113 10.19 11.52 -25.84
CA LEU A 113 9.41 11.92 -27.01
C LEU A 113 10.21 12.86 -27.93
N SER A 114 11.27 13.44 -27.40
CA SER A 114 12.13 14.32 -28.19
C SER A 114 13.28 13.55 -28.82
N GLY A 115 13.37 12.27 -28.48
CA GLY A 115 14.41 11.40 -29.03
C GLY A 115 15.68 11.44 -28.22
N THR A 116 15.69 12.25 -27.17
CA THR A 116 16.88 12.43 -26.34
C THR A 116 17.11 11.23 -25.42
N LEU A 117 16.05 10.75 -24.78
CA LEU A 117 16.15 9.67 -23.81
C LEU A 117 15.68 8.33 -24.36
N ASN A 118 16.48 7.29 -24.14
CA ASN A 118 16.13 5.94 -24.56
C ASN A 118 15.07 5.35 -23.65
N PRO A 119 13.90 5.00 -24.21
CA PRO A 119 12.75 4.45 -23.46
C PRO A 119 13.10 3.27 -22.57
N ILE A 120 14.12 2.51 -22.94
CA ILE A 120 14.55 1.36 -22.15
C ILE A 120 15.07 1.79 -20.79
N LYS A 121 15.71 2.96 -20.74
CA LYS A 121 16.26 3.49 -19.49
C LYS A 121 15.17 3.78 -18.46
N ASP A 122 13.96 4.09 -18.93
CA ASP A 122 12.86 4.39 -18.04
C ASP A 122 12.21 3.11 -17.51
N LEU A 123 12.21 2.06 -18.32
CA LEU A 123 11.73 0.76 -17.86
C LEU A 123 12.67 0.24 -16.77
N HIS A 124 13.96 0.52 -16.94
CA HIS A 124 14.96 0.13 -15.97
C HIS A 124 14.87 0.98 -14.71
N LEU A 125 14.70 2.28 -14.90
CA LEU A 125 14.59 3.21 -13.77
C LEU A 125 13.34 2.93 -12.95
N GLY A 126 12.25 2.62 -13.64
CA GLY A 126 11.01 2.29 -12.98
C GLY A 126 11.11 1.01 -12.18
N LYS A 127 11.87 0.06 -12.69
CA LYS A 127 12.05 -1.23 -12.03
C LYS A 127 12.79 -1.09 -10.70
N LEU A 128 13.84 -0.27 -10.70
CA LEU A 128 14.62 -0.04 -9.49
C LEU A 128 13.82 0.75 -8.46
N ALA A 129 12.89 1.58 -8.93
CA ALA A 129 12.06 2.37 -8.03
C ALA A 129 11.02 1.48 -7.35
N LEU A 130 10.66 0.39 -8.01
CA LEU A 130 9.64 -0.52 -7.49
C LEU A 130 10.22 -1.51 -6.49
N THR A 131 11.54 -1.48 -6.32
CA THR A 131 12.20 -2.36 -5.35
C THR A 131 12.22 -1.70 -3.97
N LYS A 132 11.96 -0.40 -3.95
CA LYS A 132 11.87 0.35 -2.70
C LYS A 132 10.45 0.90 -2.55
N PHE A 133 9.79 1.12 -3.68
CA PHE A 133 8.40 1.60 -3.69
C PHE A 133 7.54 0.75 -4.63
N PRO A 134 7.27 -0.50 -4.25
CA PRO A 134 6.50 -1.40 -5.12
C PRO A 134 5.04 -0.99 -5.23
N LYS A 135 4.61 -0.11 -4.33
CA LYS A 135 3.22 0.30 -4.26
C LYS A 135 2.97 1.60 -5.04
N SER A 136 4.06 2.27 -5.40
CA SER A 136 4.01 3.60 -6.02
C SER A 136 3.15 3.65 -7.29
N PRO A 137 2.02 4.35 -7.21
CA PRO A 137 1.05 4.50 -8.30
C PRO A 137 1.65 5.15 -9.55
N GLU A 138 2.37 6.25 -9.38
CA GLU A 138 2.90 7.01 -10.52
C GLU A 138 3.89 6.20 -11.35
N THR A 139 4.70 5.38 -10.69
CA THR A 139 5.69 4.56 -11.38
C THR A 139 5.02 3.62 -12.38
N TRP A 140 3.91 3.02 -11.97
CA TRP A 140 3.14 2.15 -12.85
C TRP A 140 2.48 2.95 -13.95
N ILE A 141 1.92 4.10 -13.59
CA ILE A 141 1.25 5.00 -14.54
C ILE A 141 2.19 5.43 -15.65
N HIS A 142 3.38 5.87 -15.28
CA HIS A 142 4.39 6.29 -16.24
C HIS A 142 4.85 5.12 -17.11
N ARG A 143 5.01 3.95 -16.48
CA ARG A 143 5.48 2.76 -17.18
C ARG A 143 4.54 2.37 -18.32
N ARG A 144 3.24 2.57 -18.10
CA ARG A 144 2.25 2.27 -19.13
C ARG A 144 2.41 3.18 -20.34
N TRP A 145 2.82 4.43 -20.07
CA TRP A 145 3.05 5.38 -21.16
C TRP A 145 4.27 4.99 -21.97
N VAL A 146 5.32 4.54 -21.27
CA VAL A 146 6.55 4.11 -21.93
C VAL A 146 6.29 2.91 -22.84
N LEU A 147 5.55 1.94 -22.31
CA LEU A 147 5.18 0.74 -23.07
C LEU A 147 4.29 1.11 -24.26
N GLN A 148 3.44 2.12 -24.05
CA GLN A 148 2.52 2.57 -25.10
C GLN A 148 3.30 3.20 -26.26
N GLN A 149 4.47 3.75 -25.95
CA GLN A 149 5.32 4.37 -26.96
C GLN A 149 6.14 3.31 -27.70
N LEU A 150 6.36 2.17 -27.05
CA LEU A 150 7.11 1.08 -27.67
C LEU A 150 6.21 0.26 -28.59
N ILE A 151 4.94 0.64 -28.66
CA ILE A 151 4.00 0.01 -29.58
C ILE A 151 3.37 1.06 -30.50
N GLN A 152 4.01 1.32 -31.63
CA GLN A 152 3.53 2.31 -32.57
C GLN A 152 2.83 1.66 -33.76
N THR A 167 -4.14 -13.11 -34.41
CA THR A 167 -2.80 -12.60 -34.63
C THR A 167 -1.96 -12.67 -33.35
N ILE A 168 -0.71 -13.08 -33.50
CA ILE A 168 0.22 -13.19 -32.36
C ILE A 168 1.23 -12.05 -32.40
N PRO A 169 1.41 -11.36 -31.25
CA PRO A 169 2.37 -10.26 -31.13
C PRO A 169 3.80 -10.67 -31.48
N THR A 170 4.62 -9.70 -31.87
CA THR A 170 5.98 -9.96 -32.32
C THR A 170 6.87 -10.51 -31.20
N GLU A 171 8.06 -10.95 -31.57
CA GLU A 171 9.03 -11.44 -30.61
C GLU A 171 9.50 -10.32 -29.68
N ARG A 172 9.61 -9.13 -30.25
CA ARG A 172 10.01 -7.94 -29.50
C ARG A 172 9.02 -7.66 -28.37
N ALA A 173 7.73 -7.83 -28.68
CA ALA A 173 6.68 -7.60 -27.69
C ALA A 173 6.72 -8.67 -26.60
N GLN A 174 6.78 -9.94 -26.99
CA GLN A 174 6.81 -11.06 -26.06
C GLN A 174 8.02 -10.99 -25.14
N ARG A 175 9.10 -10.39 -25.64
CA ARG A 175 10.30 -10.19 -24.83
C ARG A 175 10.03 -9.17 -23.73
N LEU A 176 9.20 -8.18 -24.04
CA LEU A 176 8.84 -7.14 -23.08
C LEU A 176 7.75 -7.59 -22.13
N ILE A 177 6.80 -8.39 -22.63
CA ILE A 177 5.70 -8.88 -21.83
C ILE A 177 6.19 -9.77 -20.70
N GLN A 178 7.14 -10.65 -21.02
CA GLN A 178 7.73 -11.53 -20.01
C GLN A 178 8.47 -10.73 -18.95
N GLU A 179 9.05 -9.60 -19.36
CA GLU A 179 9.74 -8.71 -18.43
C GLU A 179 8.75 -8.04 -17.47
N GLU A 180 7.59 -7.66 -18.00
CA GLU A 180 6.58 -7.00 -17.19
C GLU A 180 5.95 -7.96 -16.18
N MET A 181 5.83 -9.22 -16.57
CA MET A 181 5.30 -10.24 -15.68
C MET A 181 6.20 -10.43 -14.46
N GLU A 182 7.50 -10.27 -14.68
CA GLU A 182 8.49 -10.51 -13.62
C GLU A 182 8.58 -9.34 -12.65
N VAL A 183 8.45 -8.12 -13.14
CA VAL A 183 8.52 -6.94 -12.27
C VAL A 183 7.22 -6.77 -11.50
N CYS A 184 6.11 -7.19 -12.09
CA CYS A 184 4.82 -7.16 -11.41
C CYS A 184 4.78 -8.20 -10.31
N GLY A 185 5.35 -9.37 -10.59
CA GLY A 185 5.40 -10.45 -9.62
C GLY A 185 6.29 -10.13 -8.45
N GLU A 186 7.43 -9.49 -8.72
CA GLU A 186 8.36 -9.11 -7.66
C GLU A 186 7.79 -8.00 -6.80
N ALA A 187 7.02 -7.11 -7.41
CA ALA A 187 6.36 -6.03 -6.69
C ALA A 187 5.20 -6.58 -5.87
N ALA A 188 4.59 -7.65 -6.36
CA ALA A 188 3.49 -8.30 -5.66
C ALA A 188 3.98 -9.04 -4.42
N GLY A 189 5.27 -9.39 -4.42
CA GLY A 189 5.87 -10.11 -3.31
C GLY A 189 6.42 -9.21 -2.22
N ARG A 190 6.72 -7.96 -2.57
CA ARG A 190 7.29 -7.02 -1.61
C ARG A 190 6.20 -6.34 -0.78
N TYR A 191 5.04 -6.11 -1.38
CA TYR A 191 3.91 -5.56 -0.67
C TYR A 191 2.69 -6.46 -0.81
N PRO A 192 2.12 -6.90 0.33
CA PRO A 192 1.00 -7.84 0.35
C PRO A 192 -0.26 -7.29 -0.30
N SER A 193 -0.80 -8.04 -1.26
CA SER A 193 -1.98 -7.62 -2.02
C SER A 193 -1.75 -6.28 -2.69
N ASN A 194 -0.75 -6.23 -3.56
CA ASN A 194 -0.39 -5.00 -4.27
C ASN A 194 -1.31 -4.75 -5.47
N TYR A 195 -2.37 -3.99 -5.24
CA TYR A 195 -3.37 -3.72 -6.26
C TYR A 195 -2.77 -3.13 -7.53
N ASN A 196 -1.97 -2.07 -7.37
CA ASN A 196 -1.40 -1.38 -8.51
C ASN A 196 -0.44 -2.24 -9.32
N ALA A 197 0.17 -3.23 -8.67
CA ALA A 197 1.07 -4.16 -9.36
C ALA A 197 0.29 -5.11 -10.24
N TRP A 198 -0.75 -5.71 -9.68
CA TRP A 198 -1.58 -6.67 -10.42
C TRP A 198 -2.45 -5.98 -11.45
N SER A 199 -2.88 -4.75 -11.15
CA SER A 199 -3.70 -3.98 -12.08
C SER A 199 -2.91 -3.65 -13.34
N HIS A 200 -1.61 -3.42 -13.17
CA HIS A 200 -0.73 -3.14 -14.29
C HIS A 200 -0.47 -4.42 -15.09
N ARG A 201 -0.26 -5.52 -14.38
CA ARG A 201 -0.02 -6.81 -15.00
C ARG A 201 -1.19 -7.20 -15.90
N ILE A 202 -2.40 -6.90 -15.44
CA ILE A 202 -3.61 -7.13 -16.23
C ILE A 202 -3.63 -6.22 -17.45
N TRP A 203 -3.24 -4.96 -17.26
CA TRP A 203 -3.20 -3.98 -18.34
C TRP A 203 -2.26 -4.43 -19.46
N VAL A 204 -1.14 -5.04 -19.08
CA VAL A 204 -0.17 -5.54 -20.05
C VAL A 204 -0.80 -6.62 -20.93
N LEU A 205 -1.50 -7.55 -20.31
CA LEU A 205 -2.14 -8.64 -21.06
C LEU A 205 -3.23 -8.12 -21.98
N GLN A 206 -3.85 -7.01 -21.60
CA GLN A 206 -4.91 -6.41 -22.39
C GLN A 206 -4.39 -5.71 -23.64
N HIS A 207 -3.34 -4.90 -23.46
CA HIS A 207 -2.85 -4.02 -24.52
C HIS A 207 -1.62 -4.58 -25.25
N LEU A 208 -0.69 -5.15 -24.49
CA LEU A 208 0.53 -5.70 -25.07
C LEU A 208 0.31 -7.09 -25.64
N ALA A 209 -0.25 -7.98 -24.83
CA ALA A 209 -0.47 -9.37 -25.24
C ALA A 209 -1.76 -9.52 -26.03
N LYS A 210 -2.63 -8.52 -25.95
CA LYS A 210 -3.93 -8.53 -26.62
C LYS A 210 -4.73 -9.78 -26.27
N LEU A 211 -4.60 -10.21 -25.01
CA LEU A 211 -5.29 -11.40 -24.50
C LEU A 211 -4.96 -12.64 -25.33
N ASP A 212 -3.68 -12.85 -25.59
CA ASP A 212 -3.23 -14.02 -26.34
C ASP A 212 -3.55 -15.30 -25.57
N VAL A 213 -4.16 -16.26 -26.26
CA VAL A 213 -4.59 -17.50 -25.62
C VAL A 213 -3.43 -18.31 -25.04
N LYS A 214 -2.26 -18.18 -25.65
CA LYS A 214 -1.08 -18.91 -25.19
C LYS A 214 -0.49 -18.30 -23.93
N ILE A 215 -0.36 -16.97 -23.94
CA ILE A 215 0.22 -16.24 -22.80
C ILE A 215 -0.70 -16.36 -21.58
N LEU A 216 -2.00 -16.34 -21.82
CA LEU A 216 -2.99 -16.47 -20.76
C LEU A 216 -2.88 -17.80 -20.03
N LEU A 217 -2.63 -18.87 -20.79
CA LEU A 217 -2.49 -20.21 -20.23
C LEU A 217 -1.19 -20.36 -19.46
N ASP A 218 -0.12 -19.76 -20.00
CA ASP A 218 1.19 -19.83 -19.36
C ASP A 218 1.19 -19.07 -18.03
N GLU A 219 0.50 -17.93 -18.01
CA GLU A 219 0.38 -17.14 -16.79
C GLU A 219 -0.49 -17.86 -15.77
N LEU A 220 -1.40 -18.70 -16.27
CA LEU A 220 -2.26 -19.49 -15.40
C LEU A 220 -1.45 -20.59 -14.70
N SER A 221 -0.34 -20.98 -15.31
CA SER A 221 0.49 -22.06 -14.80
C SER A 221 1.57 -21.54 -13.85
N SER A 222 2.27 -20.49 -14.28
CA SER A 222 3.41 -19.97 -13.53
C SER A 222 3.01 -19.32 -12.21
N THR A 223 1.73 -18.97 -12.08
CA THR A 223 1.24 -18.30 -10.89
C THR A 223 0.56 -19.24 -9.91
N LYS A 224 0.43 -20.51 -10.30
CA LYS A 224 -0.19 -21.51 -9.42
C LYS A 224 0.59 -21.68 -8.12
N HIS A 225 1.89 -21.86 -8.24
CA HIS A 225 2.75 -22.05 -7.07
C HIS A 225 2.77 -20.80 -6.20
N TRP A 226 2.81 -19.63 -6.85
CA TRP A 226 2.86 -18.37 -6.15
C TRP A 226 1.58 -18.12 -5.37
N ALA A 227 0.44 -18.41 -5.99
CA ALA A 227 -0.87 -18.19 -5.38
C ALA A 227 -1.08 -19.08 -4.15
N SER A 228 -0.48 -20.26 -4.17
CA SER A 228 -0.59 -21.20 -3.07
C SER A 228 0.29 -20.78 -1.89
N MET A 229 1.23 -19.89 -2.15
CA MET A 229 2.14 -19.40 -1.12
C MET A 229 1.74 -18.01 -0.65
N HIS A 230 0.65 -17.50 -1.20
CA HIS A 230 0.10 -16.21 -0.79
C HIS A 230 -1.43 -16.28 -0.78
N VAL A 231 -1.97 -16.99 0.21
CA VAL A 231 -3.40 -17.28 0.24
C VAL A 231 -4.26 -16.11 0.69
N SER A 232 -3.63 -15.08 1.26
CA SER A 232 -4.38 -13.91 1.72
C SER A 232 -4.25 -12.76 0.72
N ASP A 233 -4.03 -13.10 -0.54
CA ASP A 233 -3.77 -12.10 -1.57
C ASP A 233 -4.88 -12.06 -2.61
N HIS A 234 -5.92 -11.26 -2.35
CA HIS A 234 -7.08 -11.21 -3.22
C HIS A 234 -6.74 -10.69 -4.61
N SER A 235 -5.75 -9.80 -4.68
CA SER A 235 -5.32 -9.23 -5.95
C SER A 235 -4.68 -10.30 -6.82
N GLY A 236 -3.87 -11.15 -6.20
CA GLY A 236 -3.23 -12.24 -6.90
C GLY A 236 -4.23 -13.25 -7.42
N PHE A 237 -5.25 -13.52 -6.63
CA PHE A 237 -6.29 -14.47 -7.02
C PHE A 237 -7.27 -13.88 -8.01
N HIS A 238 -7.45 -12.56 -7.98
CA HIS A 238 -8.28 -11.90 -8.99
C HIS A 238 -7.60 -11.98 -10.35
N TYR A 239 -6.28 -11.94 -10.34
CA TYR A 239 -5.49 -12.11 -11.55
C TYR A 239 -5.79 -13.44 -12.19
N ARG A 240 -5.96 -14.47 -11.34
CA ARG A 240 -6.38 -15.78 -11.79
C ARG A 240 -7.76 -15.68 -12.45
N GLN A 241 -8.66 -14.97 -11.79
CA GLN A 241 -10.02 -14.78 -12.29
C GLN A 241 -10.01 -14.06 -13.63
N PHE A 242 -9.12 -13.08 -13.77
CA PHE A 242 -9.01 -12.33 -15.01
C PHE A 242 -8.56 -13.23 -16.16
N LEU A 243 -7.59 -14.09 -15.89
CA LEU A 243 -7.11 -15.04 -16.89
C LEU A 243 -8.24 -15.94 -17.37
N LEU A 244 -9.02 -16.44 -16.42
CA LEU A 244 -10.14 -17.32 -16.73
C LEU A 244 -11.24 -16.59 -17.48
N LYS A 245 -11.56 -15.36 -17.06
CA LYS A 245 -12.59 -14.57 -17.70
C LYS A 245 -12.20 -14.20 -19.13
N SER A 246 -10.91 -14.01 -19.36
CA SER A 246 -10.41 -13.65 -20.68
C SER A 246 -10.36 -14.86 -21.60
N LEU A 247 -10.07 -16.02 -21.03
CA LEU A 247 -10.04 -17.26 -21.81
C LEU A 247 -11.41 -17.62 -22.34
N ILE A 248 -12.44 -17.38 -21.53
CA ILE A 248 -13.82 -17.61 -21.96
C ILE A 248 -14.19 -16.70 -23.11
N SER A 249 -13.72 -15.47 -23.06
CA SER A 249 -14.01 -14.48 -24.09
C SER A 249 -13.30 -14.78 -25.40
N GLN A 250 -12.08 -15.31 -25.31
CA GLN A 250 -11.27 -15.59 -26.49
C GLN A 250 -11.75 -16.80 -27.27
N THR A 251 -12.39 -17.74 -26.57
CA THR A 251 -12.91 -18.94 -27.21
C THR A 251 -14.21 -18.64 -27.95
N VAL A 252 -14.76 -17.45 -27.72
CA VAL A 252 -15.98 -16.95 -28.33
C VAL A 252 -17.08 -18.01 -28.48
N GLU A 283 -9.44 -27.51 -30.25
CA GLU A 283 -8.90 -28.52 -29.33
C GLU A 283 -8.22 -27.89 -28.10
N PRO A 284 -7.40 -26.83 -28.28
CA PRO A 284 -6.92 -26.21 -27.04
C PRO A 284 -8.02 -25.47 -26.29
N ARG A 285 -9.05 -25.03 -27.01
CA ARG A 285 -10.13 -24.26 -26.42
C ARG A 285 -11.18 -25.14 -25.75
N ILE A 286 -11.08 -26.45 -25.97
CA ILE A 286 -12.05 -27.40 -25.44
C ILE A 286 -12.08 -27.41 -23.90
N ASN A 287 -10.91 -27.43 -23.29
CA ASN A 287 -10.81 -27.45 -21.83
C ASN A 287 -11.21 -26.12 -21.20
N LEU A 288 -12.49 -25.77 -21.31
CA LEU A 288 -13.01 -24.59 -20.66
C LEU A 288 -13.70 -24.95 -19.33
N PRO A 289 -14.54 -26.01 -19.32
CA PRO A 289 -15.01 -26.40 -17.99
C PRO A 289 -13.95 -27.17 -17.21
N HIS A 290 -12.94 -27.68 -17.92
CA HIS A 290 -11.87 -28.45 -17.29
C HIS A 290 -10.97 -27.57 -16.45
N LEU A 291 -10.63 -26.39 -16.96
CA LEU A 291 -9.82 -25.44 -16.22
C LEU A 291 -10.59 -24.86 -15.04
N LEU A 292 -11.90 -24.71 -15.21
CA LEU A 292 -12.75 -24.18 -14.16
C LEU A 292 -12.85 -25.14 -12.98
N GLU A 293 -12.91 -26.44 -13.26
CA GLU A 293 -12.99 -27.43 -12.19
C GLU A 293 -11.60 -27.69 -11.60
N GLU A 294 -10.57 -27.39 -12.36
CA GLU A 294 -9.20 -27.44 -11.84
C GLU A 294 -9.00 -26.33 -10.83
N GLU A 295 -9.64 -25.20 -11.07
CA GLU A 295 -9.53 -24.04 -10.19
C GLU A 295 -10.29 -24.23 -8.89
N VAL A 296 -11.49 -24.80 -8.98
CA VAL A 296 -12.31 -25.02 -7.80
C VAL A 296 -11.72 -26.14 -6.94
N GLU A 297 -10.96 -27.02 -7.58
CA GLU A 297 -10.28 -28.09 -6.86
C GLU A 297 -9.04 -27.53 -6.17
N PHE A 298 -8.32 -26.66 -6.87
CA PHE A 298 -7.14 -25.99 -6.34
C PHE A 298 -7.50 -25.09 -5.16
N SER A 299 -8.64 -24.42 -5.27
CA SER A 299 -9.11 -23.53 -4.21
C SER A 299 -9.54 -24.33 -2.98
N THR A 300 -10.31 -25.39 -3.21
CA THR A 300 -10.76 -26.27 -2.13
C THR A 300 -9.57 -26.91 -1.43
N ASP A 301 -8.56 -27.27 -2.21
CA ASP A 301 -7.37 -27.91 -1.66
C ASP A 301 -6.57 -26.95 -0.78
N LEU A 302 -6.85 -25.67 -0.90
CA LEU A 302 -6.19 -24.66 -0.08
C LEU A 302 -7.04 -24.27 1.13
N ILE A 303 -8.34 -24.17 0.93
CA ILE A 303 -9.27 -23.86 2.01
C ILE A 303 -9.24 -24.95 3.07
N ASP A 304 -9.13 -26.21 2.61
CA ASP A 304 -9.00 -27.34 3.51
C ASP A 304 -7.67 -27.28 4.25
N SER A 305 -6.62 -26.87 3.54
CA SER A 305 -5.30 -26.77 4.13
C SER A 305 -5.16 -25.52 5.00
N TYR A 306 -5.67 -24.40 4.50
CA TYR A 306 -5.56 -23.14 5.22
C TYR A 306 -6.93 -22.48 5.38
N PRO A 307 -7.63 -22.82 6.47
CA PRO A 307 -8.96 -22.27 6.75
C PRO A 307 -8.90 -20.87 7.36
N GLY A 308 -9.92 -20.06 7.12
CA GLY A 308 -10.01 -18.74 7.71
C GLY A 308 -9.58 -17.61 6.79
N HIS A 309 -9.48 -17.91 5.50
CA HIS A 309 -9.09 -16.90 4.51
C HIS A 309 -10.25 -16.56 3.59
N GLU A 310 -10.83 -15.38 3.77
CA GLU A 310 -11.98 -14.98 2.96
C GLU A 310 -11.59 -14.73 1.51
N THR A 311 -10.29 -14.55 1.27
CA THR A 311 -9.78 -14.40 -0.09
C THR A 311 -10.02 -15.68 -0.88
N LEU A 312 -9.67 -16.81 -0.29
CA LEU A 312 -9.86 -18.11 -0.91
C LEU A 312 -11.35 -18.38 -1.16
N TRP A 313 -12.18 -17.98 -0.19
CA TRP A 313 -13.63 -18.15 -0.32
C TRP A 313 -14.20 -17.24 -1.40
N CYS A 314 -13.79 -15.97 -1.40
CA CYS A 314 -14.22 -15.03 -2.43
C CYS A 314 -13.78 -15.50 -3.81
N HIS A 315 -12.61 -16.15 -3.85
CA HIS A 315 -12.09 -16.69 -5.09
C HIS A 315 -12.98 -17.79 -5.64
N ARG A 316 -13.22 -18.82 -4.84
CA ARG A 316 -14.08 -19.93 -5.21
C ARG A 316 -15.49 -19.45 -5.55
N ARG A 317 -15.99 -18.51 -4.74
CA ARG A 317 -17.32 -17.92 -4.93
C ARG A 317 -17.45 -17.29 -6.32
N HIS A 318 -16.36 -16.72 -6.82
CA HIS A 318 -16.37 -16.09 -8.13
C HIS A 318 -16.17 -17.11 -9.26
N ILE A 319 -15.50 -18.22 -8.94
CA ILE A 319 -15.32 -19.28 -9.92
C ILE A 319 -16.65 -19.99 -10.18
N PHE A 320 -17.47 -20.08 -9.13
CA PHE A 320 -18.81 -20.62 -9.26
C PHE A 320 -19.64 -19.78 -10.22
N TYR A 321 -19.43 -18.47 -10.17
CA TYR A 321 -20.15 -17.54 -11.04
C TYR A 321 -19.80 -17.79 -12.51
N LEU A 322 -18.53 -18.09 -12.78
CA LEU A 322 -18.07 -18.31 -14.13
C LEU A 322 -18.62 -19.60 -14.72
N GLN A 323 -18.73 -20.63 -13.89
CA GLN A 323 -19.25 -21.93 -14.33
C GLN A 323 -20.73 -21.84 -14.67
N HIS A 324 -21.50 -21.17 -13.81
CA HIS A 324 -22.94 -21.09 -13.97
C HIS A 324 -23.34 -20.15 -15.12
N HIS A 325 -22.43 -19.28 -15.52
CA HIS A 325 -22.71 -18.31 -16.57
C HIS A 325 -21.91 -18.58 -17.85
N LEU A 326 -21.89 -19.84 -18.28
CA LEU A 326 -21.21 -20.21 -19.52
C LEU A 326 -22.17 -20.19 -20.70
N GLN B 10 -7.95 -14.52 10.13
CA GLN B 10 -8.53 -13.19 9.88
C GLN B 10 -7.60 -12.10 10.38
N LYS B 11 -6.89 -11.44 9.46
CA LYS B 11 -6.03 -10.33 9.82
C LYS B 11 -6.88 -9.12 10.20
N ASP B 12 -6.59 -8.55 11.35
CA ASP B 12 -7.40 -7.47 11.92
C ASP B 12 -6.63 -6.82 13.07
N VAL B 13 -7.19 -5.75 13.62
CA VAL B 13 -6.60 -5.12 14.79
C VAL B 13 -7.44 -5.42 16.03
N ILE B 14 -6.82 -5.31 17.21
CA ILE B 14 -7.53 -5.51 18.46
C ILE B 14 -7.54 -4.20 19.26
N ILE B 15 -8.71 -3.57 19.33
CA ILE B 15 -8.84 -2.29 20.03
C ILE B 15 -8.63 -2.45 21.53
N LYS B 16 -7.72 -1.65 22.08
CA LYS B 16 -7.38 -1.72 23.50
C LYS B 16 -8.39 -0.96 24.34
N SER B 17 -8.34 -1.16 25.65
CA SER B 17 -9.26 -0.52 26.58
C SER B 17 -8.85 0.92 26.88
N ASP B 18 -7.54 1.16 26.94
CA ASP B 18 -7.03 2.50 27.22
C ASP B 18 -7.02 3.35 25.96
N ALA B 19 -7.43 2.76 24.85
CA ALA B 19 -7.56 3.48 23.59
C ALA B 19 -8.67 4.52 23.71
N PRO B 20 -8.52 5.68 23.03
CA PRO B 20 -9.51 6.76 23.06
C PRO B 20 -10.92 6.30 22.70
N ASP B 21 -11.90 6.72 23.49
CA ASP B 21 -13.29 6.36 23.23
C ASP B 21 -14.17 7.62 23.22
N THR B 22 -13.52 8.77 23.07
CA THR B 22 -14.23 10.04 23.01
C THR B 22 -13.62 10.96 21.95
N LEU B 23 -14.44 11.82 21.37
CA LEU B 23 -13.98 12.71 20.31
C LEU B 23 -13.15 13.86 20.86
N LEU B 24 -11.92 13.99 20.36
CA LEU B 24 -11.03 15.06 20.77
C LEU B 24 -10.98 16.16 19.71
N LEU B 25 -12.08 16.87 19.55
CA LEU B 25 -12.24 17.84 18.47
C LEU B 25 -11.24 18.99 18.55
N GLU B 26 -11.02 19.50 19.76
CA GLU B 26 -10.14 20.64 19.96
C GLU B 26 -8.69 20.33 19.63
N LYS B 27 -8.28 19.10 19.87
CA LYS B 27 -6.90 18.70 19.65
C LYS B 27 -6.65 18.39 18.17
N HIS B 28 -7.72 18.08 17.44
CA HIS B 28 -7.64 17.84 16.01
C HIS B 28 -7.44 19.15 15.27
N ALA B 29 -8.16 20.18 15.70
CA ALA B 29 -8.07 21.50 15.10
C ALA B 29 -6.69 22.10 15.31
N ASP B 30 -6.10 21.83 16.47
CA ASP B 30 -4.76 22.31 16.78
C ASP B 30 -3.71 21.61 15.92
N TYR B 31 -3.95 20.33 15.62
CA TYR B 31 -3.01 19.57 14.81
C TYR B 31 -2.92 20.10 13.39
N ILE B 32 -4.08 20.30 12.76
CA ILE B 32 -4.14 20.80 11.39
C ILE B 32 -3.61 22.23 11.31
N ALA B 33 -3.90 23.02 12.34
CA ALA B 33 -3.46 24.40 12.38
C ALA B 33 -1.95 24.51 12.54
N SER B 34 -1.37 23.61 13.33
CA SER B 34 0.06 23.63 13.60
C SER B 34 0.83 22.76 12.60
N TYR B 35 0.11 22.21 11.62
CA TYR B 35 0.74 21.36 10.62
C TYR B 35 1.52 22.18 9.60
N GLY B 36 2.81 21.90 9.49
CA GLY B 36 3.67 22.63 8.57
C GLY B 36 4.28 23.86 9.20
N SER B 37 3.91 24.13 10.45
CA SER B 37 4.43 25.27 11.18
C SER B 37 5.94 25.13 11.40
N LYS B 38 6.38 23.90 11.68
CA LYS B 38 7.80 23.61 11.81
C LYS B 38 8.39 23.35 10.44
N LYS B 39 9.25 24.25 9.97
CA LYS B 39 9.81 24.17 8.63
C LYS B 39 10.70 22.94 8.46
N ASP B 40 10.32 22.09 7.50
CA ASP B 40 11.08 20.89 7.18
C ASP B 40 11.16 20.71 5.66
N ASP B 41 12.28 21.12 5.08
CA ASP B 41 12.46 21.08 3.62
C ASP B 41 12.30 19.69 3.02
N TYR B 42 12.70 18.67 3.78
CA TYR B 42 12.63 17.31 3.27
C TYR B 42 11.20 16.84 3.06
N GLU B 43 10.38 16.94 4.11
CA GLU B 43 9.01 16.45 4.06
C GLU B 43 8.14 17.30 3.12
N TYR B 44 8.52 18.57 2.95
CA TYR B 44 7.80 19.46 2.05
C TYR B 44 7.91 18.98 0.61
N CYS B 45 9.13 18.67 0.18
CA CYS B 45 9.38 18.22 -1.18
C CYS B 45 8.79 16.84 -1.43
N MET B 46 8.83 15.99 -0.40
CA MET B 46 8.33 14.63 -0.51
C MET B 46 6.83 14.58 -0.80
N SER B 47 6.11 15.57 -0.30
CA SER B 47 4.65 15.56 -0.42
C SER B 47 4.12 16.71 -1.29
N GLU B 48 5.02 17.47 -1.90
CA GLU B 48 4.61 18.63 -2.69
C GLU B 48 3.91 18.22 -3.97
N TYR B 49 4.10 16.97 -4.39
CA TYR B 49 3.50 16.49 -5.63
C TYR B 49 1.99 16.33 -5.48
N LEU B 50 1.50 16.41 -4.24
CA LEU B 50 0.06 16.36 -3.99
C LEU B 50 -0.39 17.45 -3.02
N ARG B 51 0.39 18.52 -2.93
CA ARG B 51 0.16 19.58 -1.95
C ARG B 51 -1.23 20.19 -2.05
N MET B 52 -1.75 20.34 -3.27
CA MET B 52 -3.06 20.94 -3.47
C MET B 52 -4.15 20.13 -2.78
N SER B 53 -4.12 18.81 -2.97
CA SER B 53 -5.04 17.91 -2.27
C SER B 53 -4.80 17.98 -0.77
N GLY B 54 -3.53 18.13 -0.39
CA GLY B 54 -3.16 18.25 1.01
C GLY B 54 -3.83 19.42 1.70
N ILE B 55 -3.87 20.55 1.00
CA ILE B 55 -4.57 21.74 1.50
C ILE B 55 -6.06 21.46 1.62
N TYR B 56 -6.63 20.83 0.59
CA TYR B 56 -8.05 20.48 0.56
C TYR B 56 -8.45 19.60 1.74
N TRP B 57 -7.61 18.62 2.09
CA TRP B 57 -7.87 17.76 3.23
C TRP B 57 -7.87 18.59 4.52
N GLY B 58 -6.86 19.45 4.65
CA GLY B 58 -6.71 20.27 5.83
C GLY B 58 -7.85 21.26 6.01
N LEU B 59 -8.20 21.98 4.95
CA LEU B 59 -9.24 22.99 5.04
C LEU B 59 -10.62 22.38 5.28
N THR B 60 -10.92 21.30 4.56
CA THR B 60 -12.23 20.66 4.66
C THR B 60 -12.49 20.12 6.06
N VAL B 61 -11.48 19.52 6.66
CA VAL B 61 -11.64 18.93 7.99
C VAL B 61 -11.76 20.03 9.05
N MET B 62 -11.22 21.21 8.76
CA MET B 62 -11.32 22.34 9.68
C MET B 62 -12.70 22.99 9.58
N ASP B 63 -13.23 23.06 8.37
CA ASP B 63 -14.55 23.66 8.15
C ASP B 63 -15.64 22.75 8.71
N LEU B 64 -15.38 21.44 8.70
CA LEU B 64 -16.31 20.47 9.27
C LEU B 64 -16.36 20.59 10.79
N MET B 65 -15.26 21.03 11.38
CA MET B 65 -15.19 21.26 12.81
C MET B 65 -15.42 22.75 13.14
N GLY B 66 -15.79 23.51 12.11
CA GLY B 66 -16.07 24.93 12.27
C GLY B 66 -14.88 25.75 12.70
N GLN B 67 -13.72 25.45 12.13
CA GLN B 67 -12.48 26.13 12.50
C GLN B 67 -11.72 26.58 11.25
N LEU B 68 -12.44 26.78 10.16
CA LEU B 68 -11.82 27.16 8.89
C LEU B 68 -11.12 28.52 8.96
N HIS B 69 -11.60 29.38 9.86
CA HIS B 69 -11.08 30.73 9.99
C HIS B 69 -9.65 30.76 10.54
N ARG B 70 -9.20 29.64 11.10
CA ARG B 70 -7.85 29.56 11.65
C ARG B 70 -6.82 29.31 10.55
N MET B 71 -7.29 29.17 9.31
CA MET B 71 -6.42 28.90 8.18
C MET B 71 -6.16 30.16 7.38
N ASN B 72 -4.92 30.33 6.93
CA ASN B 72 -4.54 31.49 6.15
C ASN B 72 -5.23 31.52 4.80
N ARG B 73 -6.36 32.23 4.73
CA ARG B 73 -7.19 32.26 3.54
C ARG B 73 -6.49 32.88 2.33
N GLU B 74 -5.99 34.10 2.49
CA GLU B 74 -5.39 34.85 1.38
C GLU B 74 -4.15 34.17 0.82
N GLU B 75 -3.33 33.60 1.69
CA GLU B 75 -2.09 32.96 1.28
C GLU B 75 -2.36 31.74 0.41
N ILE B 76 -3.47 31.05 0.69
CA ILE B 76 -3.86 29.87 -0.08
C ILE B 76 -4.48 30.25 -1.42
N LEU B 77 -5.32 31.27 -1.41
CA LEU B 77 -5.96 31.75 -2.64
C LEU B 77 -4.94 32.23 -3.67
N ALA B 78 -3.87 32.86 -3.17
CA ALA B 78 -2.79 33.32 -4.04
C ALA B 78 -2.03 32.12 -4.60
N PHE B 79 -1.84 31.11 -3.75
CA PHE B 79 -1.17 29.88 -4.14
C PHE B 79 -1.89 29.19 -5.29
N ILE B 80 -3.21 29.12 -5.20
CA ILE B 80 -4.03 28.44 -6.20
C ILE B 80 -3.99 29.16 -7.54
N LYS B 81 -4.01 30.49 -7.50
CA LYS B 81 -3.96 31.30 -8.71
C LYS B 81 -2.64 31.08 -9.45
N SER B 82 -1.57 30.87 -8.67
CA SER B 82 -0.24 30.65 -9.23
C SER B 82 -0.08 29.23 -9.79
N CYS B 83 -1.02 28.35 -9.44
CA CYS B 83 -0.93 26.95 -9.85
C CYS B 83 -1.75 26.64 -11.10
N GLN B 84 -2.44 27.64 -11.63
CA GLN B 84 -3.17 27.44 -12.88
C GLN B 84 -2.25 27.69 -14.07
N HIS B 85 -2.29 26.80 -15.05
CA HIS B 85 -1.41 26.90 -16.20
C HIS B 85 -2.16 27.45 -17.41
N GLU B 86 -1.43 27.70 -18.49
CA GLU B 86 -2.00 28.30 -19.70
C GLU B 86 -3.05 27.42 -20.33
N CYS B 87 -2.97 26.12 -20.07
CA CYS B 87 -3.94 25.17 -20.60
C CYS B 87 -5.21 25.14 -19.77
N GLY B 88 -5.19 25.86 -18.65
CA GLY B 88 -6.34 25.94 -17.76
C GLY B 88 -6.22 25.05 -16.55
N GLY B 89 -5.48 23.95 -16.70
CA GLY B 89 -5.33 22.98 -15.63
C GLY B 89 -4.54 23.51 -14.44
N ILE B 90 -4.92 23.05 -13.26
CA ILE B 90 -4.24 23.43 -12.03
C ILE B 90 -3.33 22.30 -11.55
N SER B 91 -2.11 22.64 -11.15
CA SER B 91 -1.17 21.65 -10.64
C SER B 91 -1.25 21.54 -9.12
N ALA B 92 -0.56 20.55 -8.58
CA ALA B 92 -0.55 20.33 -7.13
C ALA B 92 0.14 21.47 -6.40
N SER B 93 1.20 22.00 -7.02
CA SER B 93 1.95 23.10 -6.44
C SER B 93 2.59 23.93 -7.55
N ILE B 94 3.14 25.08 -7.18
CA ILE B 94 3.79 25.96 -8.16
C ILE B 94 4.99 25.28 -8.81
N GLY B 95 4.98 25.21 -10.13
CA GLY B 95 6.07 24.61 -10.87
C GLY B 95 5.75 23.22 -11.37
N HIS B 96 4.89 22.51 -10.64
CA HIS B 96 4.50 21.15 -11.01
C HIS B 96 3.58 21.18 -12.23
N ASP B 97 3.44 20.05 -12.90
CA ASP B 97 2.58 19.95 -14.07
C ASP B 97 1.12 19.81 -13.66
N PRO B 98 0.21 20.39 -14.45
CA PRO B 98 -1.22 20.32 -14.14
C PRO B 98 -1.76 18.89 -14.19
N HIS B 99 -2.78 18.63 -13.39
CA HIS B 99 -3.44 17.32 -13.39
C HIS B 99 -4.89 17.48 -12.98
N LEU B 100 -5.72 16.54 -13.40
CA LEU B 100 -7.15 16.61 -13.12
C LEU B 100 -7.44 16.49 -11.62
N LEU B 101 -6.61 15.72 -10.94
CA LEU B 101 -6.76 15.50 -9.50
C LEU B 101 -6.70 16.80 -8.73
N TYR B 102 -5.65 17.57 -8.98
CA TYR B 102 -5.38 18.78 -8.22
C TYR B 102 -6.17 19.96 -8.79
N THR B 103 -6.73 19.77 -9.98
CA THR B 103 -7.68 20.71 -10.53
C THR B 103 -8.97 20.65 -9.72
N LEU B 104 -9.40 19.43 -9.42
CA LEU B 104 -10.57 19.22 -8.57
C LEU B 104 -10.35 19.77 -7.17
N SER B 105 -9.20 19.41 -6.58
CA SER B 105 -8.84 19.89 -5.25
C SER B 105 -8.87 21.40 -5.18
N ALA B 106 -8.29 22.06 -6.18
CA ALA B 106 -8.27 23.53 -6.23
C ALA B 106 -9.68 24.10 -6.24
N VAL B 107 -10.54 23.56 -7.12
CA VAL B 107 -11.92 24.00 -7.20
C VAL B 107 -12.65 23.76 -5.89
N GLN B 108 -12.41 22.61 -5.28
CA GLN B 108 -13.02 22.28 -4.00
C GLN B 108 -12.64 23.29 -2.92
N ILE B 109 -11.38 23.69 -2.91
CA ILE B 109 -10.89 24.69 -1.96
C ILE B 109 -11.53 26.04 -2.20
N LEU B 110 -11.57 26.45 -3.48
CA LEU B 110 -12.17 27.73 -3.85
C LEU B 110 -13.65 27.77 -3.54
N THR B 111 -14.32 26.61 -3.62
CA THR B 111 -15.73 26.53 -3.30
C THR B 111 -15.95 26.68 -1.79
N LEU B 112 -15.02 26.14 -1.01
CA LEU B 112 -15.06 26.29 0.44
C LEU B 112 -14.93 27.76 0.84
N TYR B 113 -14.13 28.51 0.09
CA TYR B 113 -13.85 29.90 0.40
C TYR B 113 -14.73 30.86 -0.39
N ASP B 114 -15.58 30.32 -1.26
CA ASP B 114 -16.42 31.12 -2.15
C ASP B 114 -15.57 32.09 -2.96
N SER B 115 -14.46 31.60 -3.49
CA SER B 115 -13.55 32.40 -4.29
C SER B 115 -13.26 31.69 -5.61
N ILE B 116 -14.32 31.28 -6.30
CA ILE B 116 -14.18 30.46 -7.50
C ILE B 116 -13.62 31.25 -8.68
N ASN B 117 -13.70 32.58 -8.61
CA ASN B 117 -13.27 33.43 -9.71
C ASN B 117 -11.83 33.91 -9.59
N VAL B 118 -11.10 33.36 -8.62
CA VAL B 118 -9.68 33.65 -8.48
C VAL B 118 -8.93 33.07 -9.68
N ILE B 119 -9.41 31.94 -10.18
CA ILE B 119 -8.85 31.29 -11.36
C ILE B 119 -9.76 31.46 -12.57
N ASP B 120 -9.27 31.09 -13.75
CA ASP B 120 -10.06 31.16 -14.97
C ASP B 120 -10.97 29.93 -15.06
N VAL B 121 -12.25 30.11 -14.74
CA VAL B 121 -13.21 29.01 -14.74
C VAL B 121 -13.39 28.41 -16.12
N ASN B 122 -13.52 29.26 -17.13
CA ASN B 122 -13.75 28.82 -18.50
C ASN B 122 -12.62 27.95 -19.04
N LYS B 123 -11.39 28.27 -18.65
CA LYS B 123 -10.24 27.49 -19.09
C LYS B 123 -10.14 26.15 -18.36
N VAL B 124 -10.60 26.12 -17.11
CA VAL B 124 -10.67 24.88 -16.35
C VAL B 124 -11.60 23.90 -17.04
N VAL B 125 -12.75 24.41 -17.46
CA VAL B 125 -13.73 23.60 -18.21
C VAL B 125 -13.11 23.07 -19.49
N GLU B 126 -12.40 23.93 -20.21
CA GLU B 126 -11.74 23.54 -21.45
C GLU B 126 -10.69 22.46 -21.20
N TYR B 127 -9.95 22.59 -20.11
CA TYR B 127 -8.94 21.60 -19.74
C TYR B 127 -9.57 20.25 -19.43
N VAL B 128 -10.65 20.27 -18.66
CA VAL B 128 -11.35 19.04 -18.29
C VAL B 128 -12.00 18.39 -19.51
N LYS B 129 -12.64 19.20 -20.33
CA LYS B 129 -13.30 18.71 -21.54
C LYS B 129 -12.32 18.03 -22.49
N GLY B 130 -11.10 18.54 -22.54
CA GLY B 130 -10.09 18.03 -23.45
C GLY B 130 -9.45 16.74 -23.00
N LEU B 131 -9.81 16.27 -21.80
CA LEU B 131 -9.26 15.03 -21.26
C LEU B 131 -10.13 13.83 -21.59
N GLN B 132 -11.36 14.10 -22.04
CA GLN B 132 -12.29 13.03 -22.36
C GLN B 132 -11.90 12.32 -23.66
N LYS B 133 -12.09 11.00 -23.69
CA LYS B 133 -11.80 10.22 -24.89
C LYS B 133 -13.09 9.85 -25.61
N GLU B 134 -12.95 9.12 -26.72
CA GLU B 134 -14.10 8.77 -27.56
C GLU B 134 -15.02 7.77 -26.88
N ASP B 135 -14.46 6.96 -25.98
CA ASP B 135 -15.24 5.93 -25.29
C ASP B 135 -15.92 6.48 -24.03
N GLY B 136 -15.72 7.78 -23.78
CA GLY B 136 -16.33 8.43 -22.64
C GLY B 136 -15.42 8.51 -21.43
N SER B 137 -14.28 7.82 -21.51
CA SER B 137 -13.32 7.80 -20.41
C SER B 137 -12.60 9.13 -20.27
N PHE B 138 -11.95 9.33 -19.13
CA PHE B 138 -11.19 10.55 -18.87
C PHE B 138 -9.75 10.25 -18.49
N ALA B 139 -8.82 11.02 -19.04
CA ALA B 139 -7.42 10.88 -18.70
C ALA B 139 -7.04 11.81 -17.55
N GLY B 140 -5.99 11.45 -16.82
CA GLY B 140 -5.53 12.27 -15.71
C GLY B 140 -4.93 13.57 -16.20
N ASP B 141 -4.19 13.49 -17.31
CA ASP B 141 -3.61 14.66 -17.94
C ASP B 141 -3.45 14.43 -19.44
N ILE B 142 -2.51 15.14 -20.05
CA ILE B 142 -2.31 15.05 -21.50
C ILE B 142 -1.54 13.80 -21.90
N TRP B 143 -1.17 12.97 -20.92
CA TRP B 143 -0.38 11.77 -21.20
C TRP B 143 -1.25 10.53 -21.33
N GLY B 144 -2.54 10.67 -21.04
CA GLY B 144 -3.51 9.64 -21.38
C GLY B 144 -3.66 8.46 -20.43
N GLU B 145 -3.49 8.68 -19.14
CA GLU B 145 -3.74 7.63 -18.16
C GLU B 145 -5.24 7.53 -17.89
N ILE B 146 -5.83 6.39 -18.24
CA ILE B 146 -7.26 6.20 -18.07
C ILE B 146 -7.61 5.59 -16.72
N ASP B 147 -8.56 6.19 -16.02
CA ASP B 147 -8.99 5.74 -14.71
C ASP B 147 -10.37 6.27 -14.39
N THR B 148 -11.12 5.54 -13.58
CA THR B 148 -12.46 5.96 -13.19
C THR B 148 -12.39 7.10 -12.19
N ARG B 149 -11.24 7.25 -11.53
CA ARG B 149 -10.98 8.38 -10.66
C ARG B 149 -11.15 9.69 -11.44
N PHE B 150 -10.67 9.66 -12.67
CA PHE B 150 -10.66 10.84 -13.52
C PHE B 150 -12.04 11.10 -14.11
N SER B 151 -12.84 10.05 -14.21
CA SER B 151 -14.24 10.21 -14.61
C SER B 151 -15.00 10.93 -13.51
N PHE B 152 -14.71 10.56 -12.26
CA PHE B 152 -15.32 11.21 -11.12
C PHE B 152 -14.81 12.64 -10.96
N CYS B 153 -13.48 12.81 -10.98
CA CYS B 153 -12.86 14.11 -10.85
C CYS B 153 -13.36 15.10 -11.90
N ALA B 154 -13.61 14.60 -13.10
CA ALA B 154 -14.10 15.44 -14.20
C ALA B 154 -15.48 16.01 -13.87
N VAL B 155 -16.45 15.13 -13.64
CA VAL B 155 -17.82 15.55 -13.40
C VAL B 155 -17.98 16.27 -12.06
N ALA B 156 -17.13 15.93 -11.09
CA ALA B 156 -17.17 16.58 -9.79
C ALA B 156 -16.69 18.03 -9.90
N THR B 157 -15.69 18.23 -10.74
CA THR B 157 -15.15 19.57 -11.00
C THR B 157 -16.16 20.43 -11.75
N LEU B 158 -16.73 19.85 -12.81
CA LEU B 158 -17.68 20.55 -13.65
C LEU B 158 -18.99 20.87 -12.93
N ALA B 159 -19.40 19.99 -12.02
CA ALA B 159 -20.62 20.19 -11.25
C ALA B 159 -20.48 21.39 -10.33
N LEU B 160 -19.28 21.57 -9.79
CA LEU B 160 -19.01 22.70 -8.91
C LEU B 160 -18.93 24.01 -9.70
N LEU B 161 -18.72 23.89 -11.00
CA LEU B 161 -18.65 25.04 -11.89
C LEU B 161 -19.95 25.24 -12.65
N GLY B 162 -20.87 24.28 -12.51
CA GLY B 162 -22.14 24.33 -13.20
C GLY B 162 -21.98 24.12 -14.70
N LYS B 163 -20.94 23.39 -15.09
CA LYS B 163 -20.66 23.16 -16.49
C LYS B 163 -20.53 21.66 -16.81
N LEU B 164 -21.47 20.88 -16.30
CA LEU B 164 -21.48 19.44 -16.54
C LEU B 164 -21.87 19.14 -17.99
N ASP B 165 -22.59 20.05 -18.60
CA ASP B 165 -23.07 19.89 -19.98
C ASP B 165 -21.93 19.92 -20.99
N ALA B 166 -20.80 20.48 -20.58
CA ALA B 166 -19.67 20.71 -21.48
C ALA B 166 -19.14 19.42 -22.10
N ILE B 167 -19.18 18.33 -21.35
CA ILE B 167 -18.68 17.05 -21.84
C ILE B 167 -19.79 16.18 -22.41
N ASN B 168 -19.40 15.05 -22.99
CA ASN B 168 -20.36 14.05 -23.42
C ASN B 168 -20.78 13.20 -22.23
N VAL B 169 -21.79 13.66 -21.51
CA VAL B 169 -22.26 13.02 -20.29
C VAL B 169 -22.73 11.59 -20.55
N GLU B 170 -23.54 11.42 -21.58
CA GLU B 170 -24.12 10.11 -21.90
C GLU B 170 -23.05 9.06 -22.21
N LYS B 171 -21.95 9.50 -22.83
CA LYS B 171 -20.87 8.60 -23.19
C LYS B 171 -19.97 8.30 -21.98
N ALA B 172 -19.87 9.27 -21.07
CA ALA B 172 -19.08 9.10 -19.86
C ALA B 172 -19.71 8.06 -18.95
N ILE B 173 -21.05 8.07 -18.89
CA ILE B 173 -21.79 7.10 -18.10
C ILE B 173 -21.59 5.70 -18.67
N GLU B 174 -21.53 5.60 -19.99
CA GLU B 174 -21.35 4.32 -20.67
C GLU B 174 -20.03 3.66 -20.29
N PHE B 175 -18.97 4.45 -20.18
CA PHE B 175 -17.65 3.93 -19.86
C PHE B 175 -17.55 3.45 -18.41
N VAL B 176 -18.08 4.24 -17.50
CA VAL B 176 -18.04 3.92 -16.08
C VAL B 176 -18.81 2.64 -15.79
N LEU B 177 -19.98 2.50 -16.42
CA LEU B 177 -20.81 1.31 -16.26
C LEU B 177 -20.13 0.07 -16.84
N SER B 178 -19.21 0.29 -17.78
CA SER B 178 -18.47 -0.80 -18.40
C SER B 178 -17.34 -1.28 -17.49
N CYS B 179 -17.13 -0.56 -16.39
CA CYS B 179 -16.10 -0.92 -15.42
C CYS B 179 -16.71 -1.71 -14.25
N MET B 180 -18.03 -1.81 -14.24
CA MET B 180 -18.73 -2.54 -13.20
C MET B 180 -18.50 -4.04 -13.32
N ASN B 181 -17.95 -4.64 -12.28
CA ASN B 181 -17.69 -6.08 -12.27
C ASN B 181 -18.93 -6.85 -11.84
N PHE B 182 -18.86 -8.18 -11.94
CA PHE B 182 -20.00 -9.03 -11.63
C PHE B 182 -20.31 -9.06 -10.13
N ASP B 183 -19.33 -8.71 -9.30
CA ASP B 183 -19.53 -8.69 -7.86
C ASP B 183 -20.28 -7.42 -7.43
N GLY B 184 -20.51 -6.52 -8.37
CA GLY B 184 -21.23 -5.28 -8.11
C GLY B 184 -20.33 -4.09 -7.94
N GLY B 185 -19.04 -4.34 -7.71
CA GLY B 185 -18.08 -3.29 -7.47
C GLY B 185 -17.56 -2.62 -8.74
N PHE B 186 -16.55 -1.77 -8.56
CA PHE B 186 -15.91 -1.07 -9.67
C PHE B 186 -14.40 -1.09 -9.55
N GLY B 187 -13.71 -0.93 -10.67
CA GLY B 187 -12.27 -0.84 -10.69
C GLY B 187 -11.81 0.46 -11.32
N CYS B 188 -10.53 0.54 -11.64
CA CYS B 188 -10.00 1.73 -12.30
C CYS B 188 -10.26 1.67 -13.80
N ARG B 189 -10.14 0.47 -14.36
CA ARG B 189 -10.36 0.24 -15.78
C ARG B 189 -11.22 -1.01 -15.97
N PRO B 190 -11.85 -1.16 -17.15
CA PRO B 190 -12.64 -2.36 -17.42
C PRO B 190 -11.82 -3.64 -17.27
N GLY B 191 -12.17 -4.47 -16.29
CA GLY B 191 -11.47 -5.71 -16.03
C GLY B 191 -10.56 -5.62 -14.83
N SER B 192 -10.78 -4.62 -13.99
CA SER B 192 -9.96 -4.43 -12.80
C SER B 192 -10.62 -5.03 -11.56
N GLU B 193 -9.79 -5.38 -10.58
CA GLU B 193 -10.29 -5.87 -9.30
C GLU B 193 -11.10 -4.79 -8.61
N SER B 194 -12.22 -5.18 -8.00
CA SER B 194 -13.07 -4.23 -7.31
C SER B 194 -12.33 -3.59 -6.14
N HIS B 195 -12.48 -2.27 -6.03
CA HIS B 195 -11.78 -1.50 -5.00
C HIS B 195 -12.74 -0.48 -4.42
N ALA B 196 -12.82 -0.43 -3.09
CA ALA B 196 -13.75 0.47 -2.41
C ALA B 196 -13.56 1.93 -2.82
N GLY B 197 -12.31 2.34 -2.95
CA GLY B 197 -11.99 3.68 -3.42
C GLY B 197 -12.51 3.94 -4.81
N GLN B 198 -12.32 2.97 -5.70
CA GLN B 198 -12.79 3.11 -7.08
C GLN B 198 -14.32 3.09 -7.14
N ILE B 199 -14.92 2.35 -6.21
CA ILE B 199 -16.37 2.30 -6.11
C ILE B 199 -16.93 3.66 -5.71
N TYR B 200 -16.28 4.32 -4.77
CA TYR B 200 -16.66 5.66 -4.34
C TYR B 200 -16.65 6.64 -5.50
N CYS B 201 -15.62 6.55 -6.33
CA CYS B 201 -15.50 7.42 -7.50
C CYS B 201 -16.63 7.17 -8.49
N CYS B 202 -16.93 5.90 -8.74
CA CYS B 202 -17.94 5.53 -9.71
C CYS B 202 -19.35 5.81 -9.20
N THR B 203 -19.62 5.48 -7.94
CA THR B 203 -20.92 5.78 -7.35
C THR B 203 -21.10 7.29 -7.22
N GLY B 204 -20.01 7.99 -6.95
CA GLY B 204 -20.03 9.44 -6.91
C GLY B 204 -20.31 10.00 -8.29
N PHE B 205 -19.71 9.37 -9.30
CA PHE B 205 -19.95 9.74 -10.69
C PHE B 205 -21.42 9.58 -11.07
N LEU B 206 -21.95 8.40 -10.83
CA LEU B 206 -23.33 8.08 -11.20
C LEU B 206 -24.35 8.91 -10.42
N ALA B 207 -23.96 9.33 -9.21
CA ALA B 207 -24.81 10.19 -8.42
C ALA B 207 -24.93 11.57 -9.06
N ILE B 208 -23.79 12.10 -9.50
CA ILE B 208 -23.73 13.40 -10.16
C ILE B 208 -24.44 13.36 -11.51
N THR B 209 -24.22 12.29 -12.27
CA THR B 209 -24.79 12.15 -13.59
C THR B 209 -26.21 11.56 -13.55
N SER B 210 -26.76 11.45 -12.35
CA SER B 210 -28.12 10.95 -12.14
C SER B 210 -28.36 9.58 -12.80
N GLN B 211 -27.53 8.61 -12.45
CA GLN B 211 -27.64 7.27 -13.02
C GLN B 211 -27.48 6.19 -11.95
N LEU B 212 -27.95 6.49 -10.74
CA LEU B 212 -27.85 5.56 -9.63
C LEU B 212 -28.77 4.35 -9.82
N HIS B 213 -29.75 4.49 -10.72
CA HIS B 213 -30.67 3.39 -11.01
C HIS B 213 -29.97 2.27 -11.78
N GLN B 214 -28.76 2.55 -12.26
CA GLN B 214 -27.95 1.56 -12.95
C GLN B 214 -27.20 0.67 -11.96
N VAL B 215 -27.32 1.00 -10.68
CA VAL B 215 -26.57 0.30 -9.64
C VAL B 215 -27.45 -0.62 -8.80
N ASN B 216 -27.02 -1.87 -8.66
CA ASN B 216 -27.68 -2.81 -7.76
C ASN B 216 -27.28 -2.50 -6.32
N SER B 217 -28.15 -1.79 -5.61
CA SER B 217 -27.85 -1.34 -4.25
C SER B 217 -27.72 -2.51 -3.28
N ASP B 218 -28.44 -3.60 -3.53
CA ASP B 218 -28.36 -4.78 -2.67
C ASP B 218 -27.03 -5.50 -2.88
N LEU B 219 -26.69 -5.76 -4.14
CA LEU B 219 -25.47 -6.48 -4.48
C LEU B 219 -24.22 -5.71 -4.07
N LEU B 220 -24.13 -4.45 -4.50
CA LEU B 220 -22.98 -3.62 -4.19
C LEU B 220 -22.90 -3.33 -2.69
N GLY B 221 -24.05 -3.03 -2.09
CA GLY B 221 -24.11 -2.75 -0.67
C GLY B 221 -23.67 -3.95 0.16
N TRP B 222 -23.87 -5.14 -0.40
CA TRP B 222 -23.44 -6.37 0.26
C TRP B 222 -21.91 -6.46 0.22
N TRP B 223 -21.35 -6.22 -0.96
CA TRP B 223 -19.90 -6.23 -1.15
C TRP B 223 -19.22 -5.25 -0.19
N LEU B 224 -19.82 -4.08 -0.03
CA LEU B 224 -19.26 -3.03 0.82
C LEU B 224 -19.32 -3.38 2.30
N CYS B 225 -20.41 -4.00 2.73
CA CYS B 225 -20.57 -4.37 4.13
C CYS B 225 -19.65 -5.52 4.52
N GLU B 226 -19.22 -6.30 3.53
CA GLU B 226 -18.26 -7.38 3.77
C GLU B 226 -16.89 -6.82 4.17
N ARG B 227 -16.68 -5.53 3.95
CA ARG B 227 -15.42 -4.88 4.27
C ARG B 227 -15.26 -4.66 5.77
N GLN B 228 -16.40 -4.67 6.49
CA GLN B 228 -16.37 -4.46 7.94
C GLN B 228 -15.82 -5.68 8.65
N LEU B 229 -14.84 -5.44 9.53
CA LEU B 229 -14.18 -6.50 10.27
C LEU B 229 -14.71 -6.56 11.71
N PRO B 230 -14.51 -7.70 12.38
CA PRO B 230 -14.92 -7.88 13.79
C PRO B 230 -14.50 -6.74 14.71
N SER B 231 -13.39 -6.07 14.41
CA SER B 231 -12.93 -4.94 15.21
C SER B 231 -13.86 -3.75 15.05
N GLY B 232 -14.58 -3.70 13.93
CA GLY B 232 -15.48 -2.61 13.64
C GLY B 232 -15.02 -1.77 12.46
N GLY B 233 -13.72 -1.76 12.22
CA GLY B 233 -13.14 -0.99 11.14
C GLY B 233 -13.42 -1.57 9.76
N LEU B 234 -13.20 -0.76 8.73
CA LEU B 234 -13.45 -1.18 7.36
C LEU B 234 -12.17 -1.21 6.54
N ASN B 235 -12.13 -2.08 5.54
CA ASN B 235 -11.03 -2.09 4.58
C ASN B 235 -11.53 -1.82 3.17
N GLY B 236 -10.64 -1.93 2.19
CA GLY B 236 -10.98 -1.58 0.82
C GLY B 236 -11.33 -2.78 -0.04
N ARG B 237 -10.86 -3.95 0.37
CA ARG B 237 -11.07 -5.19 -0.37
C ARG B 237 -10.73 -6.39 0.51
N PRO B 238 -11.23 -7.60 0.18
CA PRO B 238 -11.04 -8.82 0.97
C PRO B 238 -9.64 -9.02 1.57
N GLU B 239 -9.62 -9.46 2.84
CA GLU B 239 -8.39 -9.74 3.58
C GLU B 239 -7.41 -8.58 3.59
N LYS B 240 -7.92 -7.38 3.85
CA LYS B 240 -7.09 -6.21 4.04
C LYS B 240 -7.27 -5.72 5.47
N LEU B 241 -6.20 -5.14 6.03
CA LEU B 241 -6.27 -4.55 7.36
C LEU B 241 -7.29 -3.41 7.38
N PRO B 242 -7.90 -3.15 8.54
CA PRO B 242 -8.84 -2.03 8.64
C PRO B 242 -8.12 -0.69 8.44
N ASP B 243 -8.82 0.29 7.88
CA ASP B 243 -8.23 1.58 7.58
C ASP B 243 -9.24 2.70 7.75
N VAL B 244 -8.79 3.81 8.33
CA VAL B 244 -9.65 4.96 8.56
C VAL B 244 -10.14 5.59 7.26
N CYS B 245 -9.25 5.71 6.28
CA CYS B 245 -9.62 6.29 4.99
C CYS B 245 -10.68 5.43 4.31
N TYR B 246 -10.55 4.12 4.42
CA TYR B 246 -11.52 3.19 3.86
C TYR B 246 -12.87 3.29 4.58
N SER B 247 -12.86 3.86 5.78
CA SER B 247 -14.10 4.07 6.52
C SER B 247 -14.86 5.27 5.93
N TRP B 248 -14.24 5.94 4.96
CA TRP B 248 -14.92 6.98 4.21
C TRP B 248 -15.39 6.47 2.85
N TRP B 249 -14.49 5.83 2.12
CA TRP B 249 -14.80 5.33 0.78
C TRP B 249 -15.98 4.35 0.80
N VAL B 250 -16.02 3.51 1.85
CA VAL B 250 -17.09 2.53 1.99
C VAL B 250 -18.38 3.18 2.47
N LEU B 251 -18.27 3.99 3.52
CA LEU B 251 -19.43 4.65 4.11
C LEU B 251 -20.12 5.61 3.14
N ALA B 252 -19.33 6.38 2.41
CA ALA B 252 -19.86 7.32 1.43
C ALA B 252 -20.59 6.58 0.31
N SER B 253 -19.98 5.50 -0.16
CA SER B 253 -20.59 4.65 -1.19
C SER B 253 -21.91 4.07 -0.70
N LEU B 254 -21.92 3.57 0.53
CA LEU B 254 -23.14 3.03 1.14
C LEU B 254 -24.24 4.08 1.22
N LYS B 255 -23.85 5.29 1.62
CA LYS B 255 -24.81 6.38 1.74
C LYS B 255 -25.37 6.78 0.39
N ILE B 256 -24.52 6.77 -0.64
CA ILE B 256 -24.93 7.11 -1.99
C ILE B 256 -25.96 6.14 -2.54
N ILE B 257 -25.67 4.84 -2.42
CA ILE B 257 -26.55 3.80 -2.95
C ILE B 257 -27.70 3.50 -1.99
N GLY B 258 -27.69 4.15 -0.84
CA GLY B 258 -28.77 4.01 0.13
C GLY B 258 -28.76 2.72 0.92
N ARG B 259 -27.58 2.37 1.45
CA ARG B 259 -27.44 1.15 2.25
C ARG B 259 -26.57 1.40 3.47
N LEU B 260 -26.56 2.65 3.96
CA LEU B 260 -25.72 3.03 5.08
C LEU B 260 -26.19 2.40 6.38
N HIS B 261 -27.49 2.12 6.47
CA HIS B 261 -28.10 1.61 7.69
C HIS B 261 -27.69 0.16 7.98
N TRP B 262 -27.11 -0.50 6.98
CA TRP B 262 -26.66 -1.88 7.12
C TRP B 262 -25.39 -2.00 7.97
N ILE B 263 -24.64 -0.90 8.06
CA ILE B 263 -23.36 -0.91 8.75
C ILE B 263 -23.54 -0.93 10.27
N ASP B 264 -22.48 -1.34 10.97
CA ASP B 264 -22.48 -1.33 12.43
C ASP B 264 -21.89 -0.02 12.93
N ARG B 265 -22.76 0.94 13.22
CA ARG B 265 -22.36 2.29 13.62
C ARG B 265 -21.41 2.32 14.81
N GLU B 266 -21.85 1.73 15.92
CA GLU B 266 -21.13 1.82 17.19
C GLU B 266 -19.72 1.23 17.12
N LYS B 267 -19.61 0.02 16.57
CA LYS B 267 -18.32 -0.66 16.50
C LYS B 267 -17.36 0.06 15.56
N LEU B 268 -17.89 0.60 14.47
CA LEU B 268 -17.08 1.35 13.52
C LEU B 268 -16.64 2.69 14.11
N ARG B 269 -17.55 3.35 14.81
CA ARG B 269 -17.25 4.61 15.46
C ARG B 269 -16.14 4.44 16.49
N ASN B 270 -16.20 3.35 17.24
CA ASN B 270 -15.18 3.05 18.25
C ASN B 270 -13.81 2.82 17.63
N PHE B 271 -13.79 2.24 16.43
CA PHE B 271 -12.55 2.01 15.72
C PHE B 271 -11.91 3.33 15.29
N ILE B 272 -12.71 4.19 14.66
CA ILE B 272 -12.24 5.48 14.18
C ILE B 272 -11.71 6.33 15.33
N LEU B 273 -12.43 6.35 16.44
CA LEU B 273 -12.02 7.11 17.62
C LEU B 273 -10.75 6.53 18.24
N ALA B 274 -10.52 5.23 18.01
CA ALA B 274 -9.35 4.56 18.55
C ALA B 274 -8.09 4.91 17.75
N CYS B 275 -8.28 5.60 16.63
CA CYS B 275 -7.17 5.98 15.77
C CYS B 275 -6.73 7.41 16.05
N GLN B 276 -7.21 7.98 17.15
CA GLN B 276 -6.84 9.33 17.55
C GLN B 276 -5.54 9.33 18.35
N ASP B 277 -4.85 10.46 18.33
CA ASP B 277 -3.65 10.64 19.15
C ASP B 277 -3.96 11.60 20.29
N GLU B 278 -3.97 11.08 21.51
CA GLU B 278 -4.37 11.86 22.68
C GLU B 278 -3.43 13.04 22.96
N GLU B 279 -2.21 12.97 22.44
CA GLU B 279 -1.24 14.04 22.63
C GLU B 279 -1.27 15.04 21.48
N THR B 280 -0.78 14.60 20.32
CA THR B 280 -0.64 15.48 19.17
C THR B 280 -1.99 15.83 18.53
N GLY B 281 -2.84 14.81 18.36
CA GLY B 281 -4.10 14.99 17.68
C GLY B 281 -4.05 14.42 16.28
N GLY B 282 -5.16 14.48 15.57
CA GLY B 282 -5.24 13.94 14.22
C GLY B 282 -5.53 12.44 14.24
N PHE B 283 -5.72 11.86 13.07
CA PHE B 283 -6.03 10.45 12.95
C PHE B 283 -4.95 9.68 12.20
N ALA B 284 -4.77 8.42 12.56
CA ALA B 284 -3.89 7.52 11.82
C ALA B 284 -4.74 6.49 11.09
N ASP B 285 -4.11 5.71 10.21
CA ASP B 285 -4.82 4.67 9.49
C ASP B 285 -5.30 3.58 10.45
N ARG B 286 -4.47 3.29 11.44
CA ARG B 286 -4.78 2.31 12.48
C ARG B 286 -4.32 2.84 13.84
N PRO B 287 -4.88 2.31 14.93
CA PRO B 287 -4.46 2.75 16.27
C PRO B 287 -2.96 2.55 16.50
N GLY B 288 -2.30 3.57 17.05
CA GLY B 288 -0.89 3.49 17.35
C GLY B 288 0.01 3.65 16.14
N ASP B 289 -0.47 4.41 15.15
CA ASP B 289 0.32 4.68 13.95
C ASP B 289 0.54 6.18 13.76
N MET B 290 1.21 6.54 12.67
CA MET B 290 1.50 7.94 12.39
C MET B 290 0.26 8.67 11.89
N VAL B 291 0.03 9.87 12.43
CA VAL B 291 -1.10 10.67 12.03
C VAL B 291 -0.75 11.58 10.84
N ASP B 292 -1.75 11.91 10.05
CA ASP B 292 -1.58 12.83 8.93
C ASP B 292 -2.93 13.47 8.59
N PRO B 293 -2.90 14.65 7.96
CA PRO B 293 -4.14 15.35 7.57
C PRO B 293 -5.04 14.50 6.68
N PHE B 294 -4.45 13.58 5.93
CA PHE B 294 -5.20 12.69 5.05
C PHE B 294 -6.21 11.87 5.83
N HIS B 295 -5.71 11.05 6.76
CA HIS B 295 -6.57 10.20 7.56
C HIS B 295 -7.38 10.99 8.58
N THR B 296 -6.93 12.21 8.87
CA THR B 296 -7.63 13.08 9.80
C THR B 296 -8.98 13.50 9.22
N LEU B 297 -8.98 13.82 7.92
CA LEU B 297 -10.20 14.22 7.24
C LEU B 297 -11.21 13.09 7.14
N PHE B 298 -10.77 11.96 6.60
CA PHE B 298 -11.66 10.83 6.36
C PHE B 298 -12.13 10.19 7.66
N GLY B 299 -11.39 10.42 8.74
CA GLY B 299 -11.81 9.98 10.06
C GLY B 299 -12.96 10.85 10.53
N ILE B 300 -12.78 12.16 10.42
CA ILE B 300 -13.80 13.12 10.83
C ILE B 300 -15.03 13.04 9.92
N ALA B 301 -14.79 12.93 8.62
CA ALA B 301 -15.88 12.82 7.66
C ALA B 301 -16.64 11.51 7.83
N GLY B 302 -15.93 10.47 8.27
CA GLY B 302 -16.54 9.19 8.55
C GLY B 302 -17.47 9.26 9.76
N LEU B 303 -17.01 9.91 10.82
CA LEU B 303 -17.82 10.09 12.01
C LEU B 303 -19.04 10.96 11.72
N SER B 304 -18.86 11.93 10.82
CA SER B 304 -19.94 12.83 10.44
C SER B 304 -21.08 12.10 9.75
N LEU B 305 -20.75 11.17 8.86
CA LEU B 305 -21.76 10.35 8.19
C LEU B 305 -22.47 9.43 9.17
N LEU B 306 -21.76 9.04 10.23
CA LEU B 306 -22.34 8.18 11.26
C LEU B 306 -23.31 8.96 12.14
N GLY B 307 -23.17 10.28 12.14
CA GLY B 307 -24.09 11.13 12.86
C GLY B 307 -23.50 11.85 14.07
N GLU B 308 -22.19 12.05 14.07
CA GLU B 308 -21.54 12.79 15.14
C GLU B 308 -22.01 14.25 15.12
N GLU B 309 -22.65 14.67 16.20
CA GLU B 309 -23.33 15.96 16.23
C GLU B 309 -22.39 17.15 16.43
N GLN B 310 -21.14 16.88 16.84
CA GLN B 310 -20.17 17.95 17.03
C GLN B 310 -19.52 18.33 15.70
N ILE B 311 -19.85 17.61 14.65
CA ILE B 311 -19.26 17.82 13.33
C ILE B 311 -20.33 18.12 12.30
N LYS B 312 -20.07 19.09 11.42
CA LYS B 312 -20.99 19.46 10.36
C LYS B 312 -21.28 18.28 9.45
N PRO B 313 -22.55 18.15 9.01
CA PRO B 313 -22.93 17.13 8.03
C PRO B 313 -22.10 17.22 6.76
N VAL B 314 -21.58 16.07 6.31
CA VAL B 314 -20.71 16.04 5.15
C VAL B 314 -21.41 15.38 3.96
N ASN B 315 -21.18 15.93 2.78
CA ASN B 315 -21.74 15.36 1.56
C ASN B 315 -20.92 14.16 1.10
N PRO B 316 -21.59 13.01 0.92
CA PRO B 316 -20.91 11.75 0.58
C PRO B 316 -20.29 11.74 -0.81
N VAL B 317 -20.73 12.64 -1.69
CA VAL B 317 -20.22 12.68 -3.05
C VAL B 317 -18.96 13.53 -3.18
N PHE B 318 -19.00 14.72 -2.60
CA PHE B 318 -17.91 15.69 -2.77
C PHE B 318 -16.97 15.76 -1.57
N CYS B 319 -17.31 15.05 -0.50
CA CYS B 319 -16.56 15.11 0.76
C CYS B 319 -16.39 16.55 1.23
N MET B 320 -17.49 17.30 1.20
CA MET B 320 -17.50 18.68 1.63
C MET B 320 -18.73 18.91 2.50
N PRO B 321 -18.68 19.92 3.39
CA PRO B 321 -19.84 20.22 4.23
C PRO B 321 -21.10 20.47 3.41
N GLU B 322 -22.23 19.91 3.83
CA GLU B 322 -23.49 20.08 3.12
C GLU B 322 -23.89 21.55 3.06
N GLU B 323 -23.45 22.31 4.06
CA GLU B 323 -23.68 23.74 4.11
C GLU B 323 -23.07 24.45 2.91
N VAL B 324 -21.85 24.04 2.56
CA VAL B 324 -21.12 24.65 1.46
C VAL B 324 -21.75 24.33 0.11
N LEU B 325 -22.16 23.07 -0.07
CA LEU B 325 -22.74 22.63 -1.33
C LEU B 325 -24.17 23.12 -1.51
N GLN B 326 -24.84 23.44 -0.40
CA GLN B 326 -26.16 24.05 -0.47
C GLN B 326 -26.06 25.45 -1.06
N ARG B 327 -24.96 26.13 -0.73
CA ARG B 327 -24.74 27.50 -1.17
C ARG B 327 -24.57 27.60 -2.68
N VAL B 328 -23.97 26.58 -3.28
CA VAL B 328 -23.73 26.58 -4.73
C VAL B 328 -24.73 25.69 -5.48
N ASN B 329 -25.78 25.28 -4.78
CA ASN B 329 -26.87 24.49 -5.35
C ASN B 329 -26.40 23.19 -6.00
N VAL B 330 -25.37 22.58 -5.43
CA VAL B 330 -24.86 21.31 -5.94
C VAL B 330 -25.06 20.20 -4.92
N GLN B 331 -26.20 19.51 -5.02
CA GLN B 331 -26.49 18.38 -4.15
C GLN B 331 -27.22 17.30 -4.92
N PRO B 332 -26.45 16.36 -5.50
CA PRO B 332 -27.00 15.25 -6.29
C PRO B 332 -27.94 14.38 -5.48
N GLU B 333 -29.01 13.89 -6.11
CA GLU B 333 -29.94 13.00 -5.42
C GLU B 333 -29.29 11.67 -5.08
N LEU B 334 -29.55 11.18 -3.88
CA LEU B 334 -29.07 9.88 -3.46
C LEU B 334 -30.23 8.89 -3.44
N VAL B 335 -29.93 7.60 -3.33
CA VAL B 335 -30.96 6.59 -3.23
C VAL B 335 -31.63 6.64 -1.86
N SER B 336 -32.94 6.81 -1.86
CA SER B 336 -33.70 6.91 -0.61
C SER B 336 -33.89 5.55 0.03
N MET C 1 2.81 -17.30 3.20
CA MET C 1 3.39 -18.55 3.69
C MET C 1 4.92 -18.47 3.73
N LYS C 2 5.45 -17.93 4.83
CA LYS C 2 6.89 -17.77 4.97
C LYS C 2 7.37 -18.00 6.40
N LEU C 3 8.58 -18.55 6.53
CA LEU C 3 9.23 -18.69 7.83
C LEU C 3 10.44 -17.77 7.92
N TYR C 4 10.55 -17.04 9.01
CA TYR C 4 11.62 -16.06 9.16
C TYR C 4 12.70 -16.51 10.13
N SER C 5 12.30 -16.95 11.32
CA SER C 5 13.25 -17.35 12.35
C SER C 5 12.96 -18.75 12.90
N LEU C 6 14.01 -19.41 13.36
CA LEU C 6 13.90 -20.72 13.99
C LEU C 6 15.05 -20.90 14.97
N SER C 7 14.84 -20.48 16.21
CA SER C 7 15.90 -20.48 17.21
C SER C 7 15.56 -21.36 18.41
N VAL C 8 16.56 -22.11 18.88
CA VAL C 8 16.42 -22.94 20.07
C VAL C 8 17.12 -22.30 21.25
N LEU C 9 16.38 -22.07 22.34
CA LEU C 9 16.92 -21.35 23.48
C LEU C 9 16.91 -22.17 24.76
N TYR C 10 17.22 -21.50 25.87
CA TYR C 10 17.22 -22.12 27.19
C TYR C 10 16.87 -21.06 28.23
N LYS C 11 16.00 -21.41 29.18
CA LYS C 11 15.57 -20.46 30.19
C LYS C 11 16.09 -20.80 31.58
N GLY C 12 17.27 -20.29 31.90
CA GLY C 12 17.84 -20.47 33.24
C GLY C 12 17.18 -19.52 34.23
N GLU C 13 17.58 -19.62 35.49
CA GLU C 13 17.05 -18.73 36.52
C GLU C 13 17.64 -17.33 36.38
N ALA C 14 18.92 -17.27 36.03
CA ALA C 14 19.61 -15.99 35.90
C ALA C 14 19.27 -15.31 34.58
N LYS C 15 19.58 -15.97 33.47
CA LYS C 15 19.33 -15.41 32.15
C LYS C 15 18.81 -16.44 31.15
N VAL C 16 18.31 -15.95 30.01
CA VAL C 16 17.88 -16.80 28.91
C VAL C 16 18.96 -16.83 27.84
N VAL C 17 19.41 -18.03 27.46
CA VAL C 17 20.55 -18.16 26.57
C VAL C 17 20.19 -18.75 25.20
N LEU C 18 20.75 -18.16 24.15
CA LEU C 18 20.60 -18.68 22.79
C LEU C 18 21.62 -19.80 22.54
N LEU C 19 21.14 -20.90 21.97
CA LEU C 19 22.01 -22.05 21.72
C LEU C 19 22.28 -22.25 20.23
N LYS C 20 21.22 -22.18 19.42
CA LYS C 20 21.34 -22.32 17.98
C LYS C 20 20.15 -21.68 17.27
N ALA C 21 20.42 -21.02 16.15
CA ALA C 21 19.37 -20.33 15.42
C ALA C 21 19.54 -20.46 13.90
N ALA C 22 18.49 -20.12 13.17
CA ALA C 22 18.51 -20.11 11.71
C ALA C 22 17.59 -19.01 11.21
N TYR C 23 18.01 -18.30 10.17
CA TYR C 23 17.26 -17.15 9.69
C TYR C 23 16.98 -17.21 8.20
N ASP C 24 15.95 -16.50 7.77
CA ASP C 24 15.59 -16.38 6.36
C ASP C 24 15.06 -14.98 6.09
N VAL C 25 15.97 -14.03 5.91
CA VAL C 25 15.61 -12.63 5.72
C VAL C 25 15.76 -12.20 4.26
N SER C 26 15.54 -13.14 3.35
CA SER C 26 15.71 -12.86 1.93
C SER C 26 14.55 -12.04 1.35
N SER C 27 13.47 -11.93 2.10
CA SER C 27 12.28 -11.23 1.63
C SER C 27 12.29 -9.74 1.97
N PHE C 28 13.26 -9.34 2.79
CA PHE C 28 13.36 -7.95 3.23
C PHE C 28 14.29 -7.14 2.31
N SER C 29 14.29 -5.82 2.49
CA SER C 29 15.19 -4.96 1.75
C SER C 29 16.63 -5.29 2.14
N PHE C 30 17.52 -5.30 1.16
CA PHE C 30 18.90 -5.76 1.35
C PHE C 30 19.63 -5.06 2.49
N PHE C 31 19.54 -3.73 2.54
CA PHE C 31 20.26 -2.95 3.53
C PHE C 31 19.50 -2.85 4.86
N GLN C 32 18.61 -3.81 5.11
CA GLN C 32 17.85 -3.85 6.34
C GLN C 32 17.89 -5.24 6.96
N ARG C 33 18.34 -6.21 6.17
CA ARG C 33 18.37 -7.61 6.59
C ARG C 33 19.18 -7.83 7.87
N SER C 34 20.28 -7.09 8.01
CA SER C 34 21.13 -7.19 9.19
C SER C 34 20.38 -6.74 10.44
N SER C 35 19.69 -5.61 10.33
CA SER C 35 18.93 -5.06 11.45
C SER C 35 17.73 -5.94 11.78
N VAL C 36 17.04 -6.40 10.74
CA VAL C 36 15.85 -7.24 10.91
C VAL C 36 16.17 -8.53 11.65
N GLN C 37 17.27 -9.17 11.26
CA GLN C 37 17.68 -10.44 11.88
C GLN C 37 17.97 -10.27 13.37
N GLU C 38 18.54 -9.13 13.73
CA GLU C 38 18.84 -8.86 15.14
C GLU C 38 17.57 -8.70 15.96
N PHE C 39 16.54 -8.10 15.38
CA PHE C 39 15.27 -7.93 16.07
C PHE C 39 14.58 -9.28 16.30
N MET C 40 14.71 -10.17 15.33
CA MET C 40 14.10 -11.49 15.44
C MET C 40 14.81 -12.34 16.49
N THR C 41 16.08 -12.04 16.74
CA THR C 41 16.82 -12.70 17.81
C THR C 41 16.43 -12.09 19.15
N PHE C 42 16.26 -10.77 19.17
CA PHE C 42 15.84 -10.06 20.38
C PHE C 42 14.44 -10.49 20.82
N THR C 43 13.53 -10.59 19.86
CA THR C 43 12.16 -11.00 20.16
C THR C 43 12.12 -12.44 20.69
N SER C 44 12.76 -13.35 19.95
CA SER C 44 12.78 -14.76 20.33
C SER C 44 13.25 -14.99 21.76
N GLN C 45 14.23 -14.20 22.20
CA GLN C 45 14.71 -14.27 23.57
C GLN C 45 13.71 -13.67 24.54
N LEU C 46 13.17 -12.51 24.19
CA LEU C 46 12.25 -11.78 25.06
C LEU C 46 10.97 -12.57 25.33
N ILE C 47 10.51 -13.33 24.34
CA ILE C 47 9.30 -14.12 24.50
C ILE C 47 9.51 -15.23 25.52
N VAL C 48 10.69 -15.85 25.49
CA VAL C 48 11.04 -16.89 26.44
C VAL C 48 11.21 -16.31 27.84
N GLU C 49 11.70 -15.07 27.90
CA GLU C 49 11.88 -14.39 29.19
C GLU C 49 10.56 -14.15 29.90
N ARG C 50 9.48 -13.98 29.12
CA ARG C 50 8.18 -13.66 29.69
C ARG C 50 7.25 -14.87 29.76
N SER C 51 7.68 -15.98 29.15
CA SER C 51 6.87 -17.20 29.16
C SER C 51 7.36 -18.17 30.23
N SER C 52 6.42 -18.87 30.87
CA SER C 52 6.75 -19.83 31.91
C SER C 52 7.02 -21.21 31.34
N LYS C 53 7.53 -22.11 32.17
CA LYS C 53 7.86 -23.46 31.73
C LYS C 53 6.61 -24.31 31.54
N GLY C 54 6.67 -25.22 30.58
CA GLY C 54 5.58 -26.14 30.31
C GLY C 54 4.36 -25.48 29.71
N THR C 55 4.56 -24.38 28.99
CA THR C 55 3.46 -23.66 28.37
C THR C 55 3.76 -23.29 26.92
N ARG C 56 2.70 -23.16 26.12
CA ARG C 56 2.83 -22.68 24.74
C ARG C 56 2.15 -21.34 24.59
N ALA C 57 2.70 -20.49 23.72
CA ALA C 57 2.15 -19.18 23.48
C ALA C 57 2.44 -18.71 22.05
N SER C 58 1.65 -17.75 21.58
CA SER C 58 1.84 -17.20 20.25
C SER C 58 1.59 -15.69 20.24
N VAL C 59 2.67 -14.92 20.39
CA VAL C 59 2.58 -13.48 20.36
C VAL C 59 2.40 -12.97 18.93
N LYS C 60 1.42 -12.09 18.74
CA LYS C 60 1.11 -11.59 17.41
C LYS C 60 1.51 -10.12 17.23
N GLU C 61 2.07 -9.82 16.07
CA GLU C 61 2.28 -8.44 15.66
C GLU C 61 1.63 -8.25 14.29
N GLN C 62 1.58 -7.01 13.81
CA GLN C 62 1.00 -6.77 12.50
C GLN C 62 1.87 -7.39 11.41
N ASP C 63 1.28 -8.32 10.66
CA ASP C 63 1.94 -9.05 9.57
C ASP C 63 3.04 -10.00 10.05
N TYR C 64 3.13 -10.23 11.36
CA TYR C 64 4.11 -11.17 11.89
C TYR C 64 3.55 -11.98 13.04
N LEU C 65 4.06 -13.20 13.20
CA LEU C 65 3.53 -14.13 14.20
C LEU C 65 4.62 -15.02 14.77
N CYS C 66 4.90 -14.85 16.06
CA CYS C 66 5.94 -15.62 16.73
C CYS C 66 5.35 -16.70 17.62
N HIS C 67 5.81 -17.94 17.45
CA HIS C 67 5.30 -19.07 18.22
C HIS C 67 6.39 -19.64 19.12
N VAL C 68 6.08 -19.80 20.40
CA VAL C 68 7.05 -20.29 21.37
C VAL C 68 6.55 -21.55 22.07
N TYR C 69 7.47 -22.49 22.30
CA TYR C 69 7.16 -23.70 23.07
C TYR C 69 8.25 -23.96 24.10
N VAL C 70 7.88 -23.82 25.37
CA VAL C 70 8.78 -24.12 26.47
C VAL C 70 8.38 -25.43 27.13
N ARG C 71 9.27 -26.40 27.11
CA ARG C 71 8.99 -27.72 27.68
C ARG C 71 8.97 -27.67 29.20
N ASN C 72 8.70 -28.80 29.83
CA ASN C 72 8.73 -28.88 31.29
C ASN C 72 10.14 -28.60 31.80
N ASP C 73 11.14 -29.13 31.10
CA ASP C 73 12.51 -28.70 31.29
C ASP C 73 12.70 -27.37 30.56
N SER C 74 13.68 -26.59 30.98
CA SER C 74 13.81 -25.21 30.51
C SER C 74 14.30 -25.06 29.07
N LEU C 75 14.18 -26.12 28.27
CA LEU C 75 14.53 -26.04 26.86
C LEU C 75 13.37 -25.42 26.07
N ALA C 76 13.67 -24.41 25.27
CA ALA C 76 12.65 -23.68 24.54
C ALA C 76 12.89 -23.68 23.04
N GLY C 77 11.92 -23.18 22.29
CA GLY C 77 12.02 -23.08 20.84
C GLY C 77 11.08 -22.03 20.28
N VAL C 78 11.61 -21.10 19.50
CA VAL C 78 10.82 -20.02 18.93
C VAL C 78 10.89 -20.00 17.41
N VAL C 79 9.73 -19.93 16.77
CA VAL C 79 9.67 -19.80 15.31
C VAL C 79 8.86 -18.56 14.93
N ILE C 80 9.40 -17.77 14.01
CA ILE C 80 8.74 -16.55 13.58
C ILE C 80 8.26 -16.68 12.13
N ALA C 81 6.99 -16.34 11.90
CA ALA C 81 6.39 -16.46 10.58
C ALA C 81 5.39 -15.33 10.34
N ASP C 82 4.66 -15.43 9.23
CA ASP C 82 3.63 -14.45 8.92
C ASP C 82 2.26 -14.93 9.42
N ASN C 83 1.22 -14.19 9.07
CA ASN C 83 -0.14 -14.52 9.49
C ASN C 83 -0.67 -15.75 8.77
N GLU C 84 -0.19 -15.97 7.55
CA GLU C 84 -0.68 -17.08 6.72
C GLU C 84 -0.26 -18.44 7.26
N TYR C 85 0.97 -18.53 7.76
CA TYR C 85 1.50 -19.81 8.22
C TYR C 85 0.71 -20.32 9.42
N PRO C 86 0.08 -21.50 9.27
CA PRO C 86 -0.75 -22.11 10.31
C PRO C 86 0.01 -22.39 11.59
N SER C 87 -0.63 -22.13 12.73
CA SER C 87 0.02 -22.26 14.03
C SER C 87 0.35 -23.72 14.36
N ARG C 88 -0.46 -24.64 13.85
CA ARG C 88 -0.27 -26.06 14.14
C ARG C 88 1.02 -26.61 13.53
N VAL C 89 1.27 -26.26 12.26
CA VAL C 89 2.50 -26.69 11.58
C VAL C 89 3.70 -26.03 12.22
N ALA C 90 3.49 -24.84 12.79
CA ALA C 90 4.55 -24.12 13.49
C ALA C 90 5.00 -24.85 14.75
N PHE C 91 4.03 -25.29 15.55
CA PHE C 91 4.32 -26.00 16.78
C PHE C 91 4.80 -27.43 16.51
N THR C 92 4.32 -28.02 15.42
CA THR C 92 4.76 -29.34 15.00
C THR C 92 6.24 -29.31 14.64
N LEU C 93 6.64 -28.23 13.98
CA LEU C 93 8.04 -28.02 13.62
C LEU C 93 8.91 -27.84 14.86
N LEU C 94 8.37 -27.12 15.86
CA LEU C 94 9.10 -26.84 17.08
C LEU C 94 9.42 -28.10 17.87
N GLU C 95 8.48 -29.04 17.89
CA GLU C 95 8.63 -30.25 18.69
C GLU C 95 9.67 -31.21 18.12
N LYS C 96 9.67 -31.38 16.80
CA LYS C 96 10.59 -32.32 16.16
C LYS C 96 12.03 -31.83 16.24
N VAL C 97 12.21 -30.52 16.42
CA VAL C 97 13.54 -29.94 16.52
C VAL C 97 14.09 -30.13 17.93
N LEU C 98 13.26 -29.83 18.93
CA LEU C 98 13.67 -29.95 20.33
C LEU C 98 13.90 -31.40 20.74
N ASP C 99 13.39 -32.34 19.95
CA ASP C 99 13.61 -33.76 20.21
C ASP C 99 14.94 -34.21 19.62
N GLU C 100 15.26 -33.68 18.44
CA GLU C 100 16.53 -33.98 17.79
C GLU C 100 17.67 -33.19 18.45
N PHE C 101 17.30 -32.14 19.17
CA PHE C 101 18.28 -31.29 19.83
C PHE C 101 18.72 -31.89 21.17
N SER C 102 17.78 -32.57 21.83
CA SER C 102 18.08 -33.26 23.09
C SER C 102 18.80 -34.57 22.82
N LYS C 103 18.78 -34.98 21.56
CA LYS C 103 19.41 -36.22 21.12
C LYS C 103 20.92 -36.03 20.90
N GLN C 104 21.29 -34.86 20.42
CA GLN C 104 22.68 -34.58 20.06
C GLN C 104 23.45 -33.85 21.16
N VAL C 105 22.78 -32.91 21.82
CA VAL C 105 23.44 -32.08 22.83
C VAL C 105 23.05 -32.49 24.25
N ASP C 106 24.05 -32.54 25.14
CA ASP C 106 23.81 -32.91 26.53
C ASP C 106 23.00 -31.85 27.26
N ARG C 107 22.47 -32.21 28.43
CA ARG C 107 21.58 -31.33 29.19
C ARG C 107 22.33 -30.33 30.05
N ILE C 108 23.65 -30.51 30.17
CA ILE C 108 24.47 -29.61 30.98
C ILE C 108 25.16 -28.59 30.10
N ASP C 109 25.19 -28.86 28.79
CA ASP C 109 25.75 -27.92 27.82
C ASP C 109 24.72 -26.85 27.45
N TRP C 110 23.55 -26.92 28.08
CA TRP C 110 22.45 -26.00 27.79
C TRP C 110 22.52 -24.67 28.56
N PRO C 111 22.68 -24.70 29.90
CA PRO C 111 22.57 -23.42 30.61
C PRO C 111 23.74 -22.47 30.39
N VAL C 112 24.85 -22.96 29.84
CA VAL C 112 26.02 -22.12 29.61
C VAL C 112 26.55 -22.27 28.18
N GLY C 113 25.73 -22.84 27.30
CA GLY C 113 26.12 -23.02 25.92
C GLY C 113 25.99 -21.77 25.08
N SER C 114 26.71 -21.73 23.97
CA SER C 114 26.68 -20.59 23.06
C SER C 114 26.64 -21.08 21.61
N PRO C 115 26.06 -20.27 20.70
CA PRO C 115 25.95 -20.62 19.27
C PRO C 115 27.27 -21.06 18.64
N ALA C 116 28.39 -20.58 19.19
CA ALA C 116 29.71 -20.96 18.68
C ALA C 116 30.18 -22.27 19.32
N THR C 117 29.47 -22.72 20.34
CA THR C 117 29.83 -23.95 21.05
C THR C 117 28.89 -25.09 20.73
N ILE C 118 27.60 -24.78 20.62
CA ILE C 118 26.58 -25.79 20.31
C ILE C 118 26.72 -26.30 18.88
N HIS C 119 26.55 -27.60 18.69
CA HIS C 119 26.74 -28.23 17.39
C HIS C 119 25.44 -28.79 16.81
N TYR C 120 24.82 -28.04 15.90
CA TYR C 120 23.62 -28.50 15.21
C TYR C 120 23.41 -27.71 13.93
N PRO C 121 23.79 -28.31 12.78
CA PRO C 121 23.71 -27.66 11.47
C PRO C 121 22.39 -27.87 10.74
N ALA C 122 21.48 -28.65 11.33
CA ALA C 122 20.24 -29.02 10.64
C ALA C 122 19.11 -28.02 10.88
N LEU C 123 19.42 -26.86 11.43
CA LEU C 123 18.40 -25.83 11.66
C LEU C 123 18.08 -25.07 10.39
N ASP C 124 19.11 -24.77 9.61
CA ASP C 124 18.94 -24.04 8.36
C ASP C 124 18.32 -24.94 7.28
N GLY C 125 18.44 -26.25 7.48
CA GLY C 125 17.85 -27.21 6.55
C GLY C 125 16.37 -27.38 6.79
N HIS C 126 15.96 -27.35 8.06
CA HIS C 126 14.56 -27.49 8.41
C HIS C 126 13.76 -26.23 8.12
N LEU C 127 14.40 -25.08 8.31
CA LEU C 127 13.77 -23.79 8.06
C LEU C 127 13.38 -23.63 6.60
N SER C 128 14.25 -24.13 5.72
CA SER C 128 14.00 -24.06 4.28
C SER C 128 13.04 -25.16 3.83
N ARG C 129 13.05 -26.27 4.56
CA ARG C 129 12.17 -27.39 4.26
C ARG C 129 10.72 -27.06 4.58
N TYR C 130 10.50 -26.55 5.79
CA TYR C 130 9.14 -26.26 6.27
C TYR C 130 8.61 -24.92 5.78
N GLN C 131 9.25 -24.38 4.75
CA GLN C 131 8.80 -23.13 4.15
C GLN C 131 7.42 -23.33 3.53
N ASN C 132 7.19 -24.53 3.00
CA ASN C 132 5.89 -24.90 2.46
C ASN C 132 5.34 -26.11 3.21
N PRO C 133 4.28 -25.89 4.02
CA PRO C 133 3.66 -26.93 4.86
C PRO C 133 3.16 -28.13 4.07
N ARG C 134 2.90 -27.96 2.77
CA ARG C 134 2.48 -29.06 1.92
C ARG C 134 3.66 -29.97 1.61
N GLU C 135 4.86 -29.50 1.91
CA GLU C 135 6.08 -30.26 1.70
C GLU C 135 6.71 -30.64 3.04
N ALA C 136 5.87 -30.74 4.07
CA ALA C 136 6.33 -31.11 5.40
C ALA C 136 5.91 -32.53 5.75
N ASP C 137 6.73 -33.21 6.55
CA ASP C 137 6.45 -34.59 6.94
C ASP C 137 5.23 -34.67 7.86
N PRO C 138 4.26 -35.52 7.51
CA PRO C 138 3.01 -35.68 8.25
C PRO C 138 3.17 -36.53 9.52
N MET C 139 3.76 -35.95 10.56
CA MET C 139 3.90 -36.64 11.84
C MET C 139 2.58 -36.60 12.61
N THR C 140 1.84 -37.70 12.56
CA THR C 140 0.55 -37.77 13.24
C THR C 140 0.69 -38.28 14.67
N LYS C 141 1.92 -38.56 15.08
CA LYS C 141 2.19 -38.97 16.46
C LYS C 141 2.41 -37.76 17.34
N VAL C 142 2.64 -36.62 16.70
CA VAL C 142 2.93 -35.38 17.41
C VAL C 142 1.67 -34.53 17.60
N GLN C 143 1.10 -34.07 16.50
CA GLN C 143 -0.02 -33.13 16.53
C GLN C 143 -1.33 -33.76 17.01
N ALA C 144 -1.30 -35.06 17.30
CA ALA C 144 -2.49 -35.75 17.76
C ALA C 144 -2.79 -35.45 19.23
N GLU C 145 -1.80 -34.92 19.93
CA GLU C 145 -1.95 -34.63 21.36
C GLU C 145 -1.20 -33.35 21.75
N LEU C 146 -0.92 -32.50 20.76
CA LEU C 146 -0.25 -31.23 21.03
C LEU C 146 -1.21 -30.21 21.63
N ASP C 147 -2.29 -29.94 20.91
CA ASP C 147 -3.21 -28.87 21.27
C ASP C 147 -3.95 -29.15 22.57
N GLU C 148 -4.26 -28.08 23.30
CA GLU C 148 -5.06 -28.15 24.51
C GLU C 148 -6.01 -26.95 24.52
N THR C 149 -5.92 -26.15 23.46
CA THR C 149 -6.70 -24.92 23.29
C THR C 149 -6.46 -23.93 24.43
N LYS C 150 -5.34 -24.10 25.12
CA LYS C 150 -4.98 -23.19 26.21
C LYS C 150 -3.68 -22.47 25.88
N ILE C 151 -3.40 -22.35 24.58
CA ILE C 151 -2.23 -21.63 24.11
C ILE C 151 -2.50 -20.13 24.14
N ILE C 152 -1.89 -19.44 25.09
CA ILE C 152 -2.15 -18.01 25.30
C ILE C 152 -1.77 -17.16 24.09
N LEU C 153 -2.74 -16.41 23.59
CA LEU C 153 -2.51 -15.51 22.46
C LEU C 153 -2.31 -14.08 22.93
N HIS C 154 -1.46 -13.33 22.24
CA HIS C 154 -1.20 -11.94 22.58
C HIS C 154 -1.42 -11.03 21.38
N ASN C 155 -2.17 -9.95 21.59
CA ASN C 155 -2.44 -8.99 20.52
C ASN C 155 -1.17 -8.24 20.12
N THR C 156 -0.35 -7.90 21.12
CA THR C 156 0.98 -7.34 20.88
C THR C 156 1.96 -7.98 21.86
N MET C 157 3.23 -7.63 21.75
CA MET C 157 4.24 -8.15 22.66
C MET C 157 4.33 -7.27 23.90
N GLU C 158 3.41 -6.32 24.01
CA GLU C 158 3.30 -5.47 25.20
C GLU C 158 2.53 -6.22 26.28
N SER C 159 1.73 -7.20 25.85
CA SER C 159 0.93 -8.01 26.77
C SER C 159 1.81 -8.88 27.67
N LEU C 160 3.07 -9.05 27.27
CA LEU C 160 4.02 -9.83 28.05
C LEU C 160 4.77 -8.94 29.04
N LEU C 161 4.73 -7.63 28.81
CA LEU C 161 5.42 -6.68 29.66
C LEU C 161 4.61 -6.38 30.93
N GLU C 162 5.25 -5.74 31.89
CA GLU C 162 4.58 -5.32 33.12
C GLU C 162 3.77 -4.06 32.86
N ARG C 163 3.11 -3.56 33.90
CA ARG C 163 2.26 -2.38 33.77
C ARG C 163 3.07 -1.13 33.48
N GLY C 164 4.22 -0.99 34.13
CA GLY C 164 5.05 0.18 33.97
C GLY C 164 6.25 -0.05 33.07
N GLU C 165 6.37 -1.26 32.54
CA GLU C 165 7.48 -1.61 31.67
C GLU C 165 7.32 -0.98 30.29
N LYS C 166 8.41 -0.39 29.80
CA LYS C 166 8.41 0.25 28.48
C LYS C 166 9.32 -0.49 27.51
N LEU C 167 8.79 -0.80 26.33
CA LEU C 167 9.56 -1.53 25.32
C LEU C 167 10.66 -0.64 24.74
N ASP C 168 10.49 0.67 24.84
CA ASP C 168 11.49 1.62 24.38
C ASP C 168 12.79 1.47 25.17
N ASP C 169 12.65 1.19 26.47
CA ASP C 169 13.80 1.05 27.35
C ASP C 169 14.44 -0.33 27.21
N LEU C 170 13.68 -1.29 26.68
CA LEU C 170 14.19 -2.64 26.50
C LEU C 170 15.03 -2.77 25.23
N VAL C 171 14.65 -2.00 24.21
CA VAL C 171 15.35 -2.03 22.94
C VAL C 171 16.70 -1.33 23.01
N SER C 172 16.70 -0.12 23.56
CA SER C 172 17.90 0.71 23.63
C SER C 172 18.93 0.18 24.63
N LYS C 173 18.48 -0.67 25.55
CA LYS C 173 19.36 -1.20 26.58
C LYS C 173 19.77 -2.64 26.28
N SER C 174 19.17 -3.23 25.25
CA SER C 174 19.47 -4.60 24.87
C SER C 174 20.91 -4.76 24.40
N GLU C 175 21.48 -5.93 24.65
CA GLU C 175 22.85 -6.21 24.24
C GLU C 175 22.88 -7.21 23.08
N VAL C 176 21.73 -7.37 22.43
CA VAL C 176 21.63 -8.24 21.26
C VAL C 176 21.45 -7.41 20.00
N LEU C 177 20.99 -6.17 20.20
CA LEU C 177 20.78 -5.24 19.09
C LEU C 177 21.97 -4.31 18.93
N GLY C 178 22.41 -4.14 17.69
CA GLY C 178 23.52 -3.23 17.39
C GLY C 178 23.12 -1.78 17.50
N THR C 179 24.11 -0.89 17.49
CA THR C 179 23.85 0.54 17.59
C THR C 179 23.09 1.05 16.38
N GLN C 180 23.30 0.42 15.23
CA GLN C 180 22.61 0.81 14.01
C GLN C 180 21.20 0.22 13.99
N SER C 181 20.97 -0.82 14.80
CA SER C 181 19.66 -1.44 14.90
C SER C 181 18.78 -0.69 15.89
N LYS C 182 19.40 -0.14 16.93
CA LYS C 182 18.68 0.67 17.90
C LYS C 182 18.25 1.98 17.26
N ALA C 183 19.15 2.56 16.46
CA ALA C 183 18.85 3.80 15.74
C ALA C 183 17.86 3.53 14.61
N PHE C 184 17.86 2.31 14.10
CA PHE C 184 16.90 1.89 13.09
C PHE C 184 15.52 1.76 13.71
N TYR C 185 15.49 1.42 14.99
CA TYR C 185 14.23 1.33 15.72
C TYR C 185 13.75 2.71 16.14
N LYS C 186 14.70 3.65 16.23
CA LYS C 186 14.37 5.03 16.54
C LYS C 186 13.67 5.71 15.37
N THR C 187 14.01 5.28 14.16
CA THR C 187 13.31 5.74 12.97
C THR C 187 11.99 4.98 12.83
N ALA C 188 11.85 3.92 13.62
CA ALA C 188 10.61 3.17 13.70
C ALA C 188 9.76 3.69 14.85
N ARG C 189 10.38 4.48 15.72
CA ARG C 189 9.67 5.14 16.81
C ARG C 189 8.83 6.29 16.27
N LYS C 190 9.15 6.71 15.05
CA LYS C 190 8.36 7.74 14.37
C LYS C 190 7.17 7.12 13.64
N GLN C 191 6.75 5.96 14.13
CA GLN C 191 5.60 5.23 13.60
C GLN C 191 5.77 4.83 12.13
N ASN C 192 7.01 4.84 11.65
CA ASN C 192 7.34 4.51 10.26
C ASN C 192 6.50 5.29 9.25
C20 GRG D . -12.41 12.39 -1.28
C19 GRG D . -12.95 14.14 -3.14
C18 GRG D . -12.22 12.89 -2.70
C17 GRG D . -11.39 12.21 -3.57
C16 GRG D . -11.20 12.72 -4.99
C14 GRG D . -8.63 10.96 -6.01
C13 GRG D . -10.06 10.58 -5.66
C15 GRG D . -11.20 11.55 -5.99
C12 GRG D . -10.32 9.36 -5.07
C11 GRG D . -9.17 8.40 -4.74
C9 GRG D . -9.73 7.16 -4.00
C8 GRG D . -9.23 5.88 -4.68
C10 GRG D . -9.73 5.50 -6.04
C7 GRG D . -8.30 5.06 -4.04
C6 GRG D . -7.80 3.80 -4.73
C5 GRG D . -6.39 4.04 -5.29
C3 GRG D . -5.56 2.76 -5.15
C4 GRG D . -5.65 1.69 -6.20
C2 GRG D . -4.73 2.60 -4.06
C1 GRG D . -3.90 1.33 -3.91
O1 GRG D . -4.72 0.27 -3.41
PA GRG D . -4.13 -0.67 -2.29
O1A GRG D . -3.09 -1.58 -2.89
O3A GRG D . -3.45 0.22 -1.16
O2A GRG D . -5.25 -1.50 -1.69
PB GRG D . -4.10 0.59 0.25
O1B GRG D . -3.09 1.29 1.11
O2B GRG D . -4.56 -0.67 0.93
O3B GRG D . -5.29 1.50 0.03
C FMT E . -1.91 8.82 -8.34
O1 FMT E . -1.85 9.57 -7.36
O2 FMT E . -2.02 9.22 -9.50
#